data_4C5B
#
_entry.id   4C5B
#
_cell.length_a   53.000
_cell.length_b   97.620
_cell.length_c   109.490
_cell.angle_alpha   90.00
_cell.angle_beta   90.00
_cell.angle_gamma   90.00
#
_symmetry.space_group_name_H-M   'P 21 21 21'
#
loop_
_entity.id
_entity.type
_entity.pdbx_description
1 polymer 'D-ALANINE--D-ALANINE LIGASE'
2 non-polymer "ADENOSINE-5'-DIPHOSPHATE"
3 non-polymer D-ALANINE
4 non-polymer 'CARBONATE ION'
5 non-polymer 'MAGNESIUM ION'
6 non-polymer GLYCEROL
7 non-polymer IMIDAZOLE
8 water water
#
_entity_poly.entity_id   1
_entity_poly.type   'polypeptide(L)'
_entity_poly.pdbx_seq_one_letter_code
;MSYYHHHHHHDYIPTTENLYFNGAMTDKIAVLLGGTSAEREVSLNSGAAVLAGLREGGIDAYPVDPKEVDVTQLKSMGFQ
KVFIALHGRGGEDGTLQGMLELMGLPYTGSGVMASALSMDKLRSKLLWQGAGLPVAPWVALTRAEFEKGLSDKQLAEISA
LGLPVIVKPSREGSSVGMSKVVAENALQDALRLAFQHDEEVLIEKWLSGPEFTVAILGEEILPSIRIQPSGTFYDYEAKY
LSDETQYFCPAGLEASQEANLQALVLKAWTTLGCKGWGRIDVMLDSDGQFYLLEANTSPGMTSHSLVPMAARQAGMSFSQ
LVVRILELAD
;
_entity_poly.pdbx_strand_id   A,B
#
loop_
_chem_comp.id
_chem_comp.type
_chem_comp.name
_chem_comp.formula
ADP non-polymer ADENOSINE-5'-DIPHOSPHATE 'C10 H15 N5 O10 P2'
CO3 non-polymer 'CARBONATE ION' 'C O3 -2'
GOL non-polymer GLYCEROL 'C3 H8 O3'
IMD non-polymer IMIDAZOLE 'C3 H5 N2 1'
MG non-polymer 'MAGNESIUM ION' 'Mg 2'
#
# COMPACT_ATOMS: atom_id res chain seq x y z
N MET A 25 13.20 -27.08 -23.51
CA MET A 25 12.04 -26.13 -23.58
C MET A 25 12.37 -24.72 -23.05
N THR A 26 11.95 -23.71 -23.81
CA THR A 26 12.07 -22.33 -23.35
C THR A 26 10.93 -22.06 -22.37
N ASP A 27 10.95 -20.87 -21.76
CA ASP A 27 9.95 -20.55 -20.72
C ASP A 27 8.52 -20.64 -21.23
N LYS A 28 7.64 -21.19 -20.40
CA LYS A 28 6.19 -21.15 -20.66
C LYS A 28 5.55 -20.02 -19.87
N ILE A 29 4.81 -19.16 -20.56
CA ILE A 29 4.24 -17.96 -19.98
C ILE A 29 2.72 -18.10 -19.87
N ALA A 30 2.19 -17.83 -18.68
CA ALA A 30 0.74 -17.72 -18.47
C ALA A 30 0.29 -16.27 -18.63
N VAL A 31 -0.66 -16.04 -19.53
CA VAL A 31 -1.30 -14.75 -19.66
C VAL A 31 -2.60 -14.83 -18.87
N LEU A 32 -2.63 -14.15 -17.71
CA LEU A 32 -3.82 -14.22 -16.86
C LEU A 32 -4.82 -13.18 -17.35
N LEU A 33 -6.03 -13.64 -17.65
CA LEU A 33 -7.03 -12.75 -18.23
C LEU A 33 -8.41 -13.14 -17.75
N GLY A 34 -9.32 -12.17 -17.80
CA GLY A 34 -10.71 -12.45 -17.35
C GLY A 34 -10.88 -12.15 -15.88
N GLY A 35 -10.83 -13.20 -15.07
CA GLY A 35 -11.04 -13.05 -13.63
C GLY A 35 -12.47 -12.70 -13.30
N THR A 36 -12.65 -12.08 -12.14
CA THR A 36 -14.00 -11.91 -11.60
C THR A 36 -14.36 -10.48 -11.24
N SER A 37 -13.53 -9.52 -11.63
CA SER A 37 -13.87 -8.11 -11.36
C SER A 37 -14.92 -7.53 -12.31
N ALA A 38 -15.36 -6.30 -12.03
CA ALA A 38 -16.27 -5.59 -12.93
C ALA A 38 -15.68 -5.31 -14.31
N GLU A 39 -14.36 -5.46 -14.38
CA GLU A 39 -13.60 -5.23 -15.61
C GLU A 39 -13.27 -6.55 -16.33
N ARG A 40 -13.94 -7.64 -15.96
CA ARG A 40 -13.69 -8.94 -16.60
C ARG A 40 -13.71 -8.89 -18.12
N GLU A 41 -14.71 -8.24 -18.71
CA GLU A 41 -14.85 -8.28 -20.18
C GLU A 41 -13.74 -7.48 -20.84
N VAL A 42 -13.33 -6.41 -20.19
CA VAL A 42 -12.20 -5.63 -20.70
C VAL A 42 -10.93 -6.52 -20.64
N SER A 43 -10.73 -7.21 -19.52
CA SER A 43 -9.58 -8.08 -19.35
C SER A 43 -9.58 -9.25 -20.34
N LEU A 44 -10.74 -9.85 -20.61
CA LEU A 44 -10.76 -10.86 -21.69
C LEU A 44 -10.24 -10.31 -23.01
N ASN A 45 -10.59 -9.06 -23.33
CA ASN A 45 -10.08 -8.42 -24.56
C ASN A 45 -8.61 -8.06 -24.46
N SER A 46 -8.17 -7.60 -23.28
CA SER A 46 -6.72 -7.33 -23.11
C SER A 46 -5.92 -8.59 -23.26
N GLY A 47 -6.31 -9.65 -22.57
CA GLY A 47 -5.54 -10.87 -22.64
C GLY A 47 -5.56 -11.51 -24.03
N ALA A 48 -6.66 -11.38 -24.77
CA ALA A 48 -6.72 -11.92 -26.14
C ALA A 48 -5.64 -11.25 -26.98
N ALA A 49 -5.50 -9.92 -26.84
CA ALA A 49 -4.51 -9.18 -27.64
C ALA A 49 -3.08 -9.51 -27.14
N VAL A 50 -2.86 -9.51 -25.83
CA VAL A 50 -1.53 -9.83 -25.27
C VAL A 50 -1.10 -11.25 -25.67
N LEU A 51 -2.02 -12.23 -25.61
CA LEU A 51 -1.66 -13.59 -26.02
C LEU A 51 -1.10 -13.61 -27.46
N ALA A 52 -1.86 -13.03 -28.39
CA ALA A 52 -1.41 -13.05 -29.78
C ALA A 52 -0.11 -12.27 -29.96
N GLY A 53 0.01 -11.14 -29.25
CA GLY A 53 1.20 -10.28 -29.30
C GLY A 53 2.46 -11.01 -28.85
N LEU A 54 2.33 -11.76 -27.76
CA LEU A 54 3.48 -12.50 -27.23
C LEU A 54 3.86 -13.61 -28.19
N ARG A 55 2.87 -14.33 -28.73
CA ARG A 55 3.17 -15.42 -29.68
C ARG A 55 3.84 -14.86 -30.95
N GLU A 56 3.42 -13.68 -31.39
CA GLU A 56 4.08 -13.00 -32.53
C GLU A 56 5.55 -12.66 -32.25
N GLY A 57 5.84 -12.42 -30.97
CA GLY A 57 7.23 -12.15 -30.53
C GLY A 57 8.03 -13.39 -30.18
N GLY A 58 7.49 -14.58 -30.47
CA GLY A 58 8.19 -15.86 -30.27
C GLY A 58 8.10 -16.42 -28.86
N ILE A 59 7.20 -15.87 -28.04
CA ILE A 59 7.04 -16.29 -26.65
C ILE A 59 6.02 -17.41 -26.57
N ASP A 60 6.33 -18.44 -25.80
CA ASP A 60 5.45 -19.60 -25.65
C ASP A 60 4.41 -19.34 -24.58
N ALA A 61 3.38 -18.59 -24.96
CA ALA A 61 2.36 -18.07 -24.02
C ALA A 61 1.03 -18.79 -24.17
N TYR A 62 0.29 -18.91 -23.05
CA TYR A 62 -1.02 -19.60 -23.00
C TYR A 62 -1.96 -18.77 -22.16
N PRO A 63 -3.26 -18.74 -22.53
CA PRO A 63 -4.24 -17.98 -21.73
C PRO A 63 -4.70 -18.80 -20.50
N VAL A 64 -4.80 -18.13 -19.36
CA VAL A 64 -5.29 -18.80 -18.14
C VAL A 64 -6.28 -17.85 -17.46
N ASP A 65 -7.54 -18.28 -17.27
CA ASP A 65 -8.54 -17.39 -16.64
C ASP A 65 -8.71 -17.83 -15.20
N PRO A 66 -8.34 -16.98 -14.21
CA PRO A 66 -8.44 -17.38 -12.79
C PRO A 66 -9.88 -17.65 -12.36
N LYS A 67 -10.89 -17.22 -13.13
CA LYS A 67 -12.28 -17.59 -12.79
C LYS A 67 -12.51 -19.07 -12.97
N GLU A 68 -11.75 -19.68 -13.87
CA GLU A 68 -11.96 -21.06 -14.26
C GLU A 68 -10.84 -21.99 -13.83
N VAL A 69 -9.65 -21.40 -13.60
CA VAL A 69 -8.44 -22.16 -13.24
C VAL A 69 -7.92 -21.67 -11.90
N ASP A 70 -7.57 -22.60 -11.01
CA ASP A 70 -7.03 -22.22 -9.72
C ASP A 70 -5.59 -21.73 -9.89
N VAL A 71 -5.38 -20.43 -9.70
CA VAL A 71 -4.05 -19.87 -10.02
C VAL A 71 -2.96 -20.28 -9.06
N THR A 72 -3.35 -20.83 -7.90
CA THR A 72 -2.35 -21.36 -6.98
C THR A 72 -1.63 -22.56 -7.62
N GLN A 73 -2.17 -23.07 -8.74
CA GLN A 73 -1.63 -24.23 -9.46
C GLN A 73 -0.71 -23.88 -10.65
N LEU A 74 -0.42 -22.59 -10.84
CA LEU A 74 0.36 -22.20 -12.02
C LEU A 74 1.73 -22.88 -12.13
N LYS A 75 2.44 -23.00 -11.01
CA LYS A 75 3.77 -23.59 -11.03
C LYS A 75 3.63 -25.09 -11.32
N SER A 76 2.68 -25.72 -10.65
CA SER A 76 2.35 -27.13 -10.93
C SER A 76 2.00 -27.37 -12.38
N MET A 77 1.44 -26.36 -13.05
CA MET A 77 0.98 -26.48 -14.43
C MET A 77 2.11 -26.34 -15.46
N GLY A 78 3.31 -25.99 -14.99
CA GLY A 78 4.47 -25.92 -15.86
C GLY A 78 4.87 -24.53 -16.29
N PHE A 79 4.17 -23.51 -15.77
CA PHE A 79 4.51 -22.13 -16.09
C PHE A 79 5.74 -21.59 -15.35
N GLN A 80 6.52 -20.79 -16.06
CA GLN A 80 7.72 -20.15 -15.52
C GLN A 80 7.57 -18.68 -15.23
N LYS A 81 6.65 -18.00 -15.91
CA LYS A 81 6.55 -16.53 -15.81
C LYS A 81 5.10 -16.17 -16.12
N VAL A 82 4.64 -15.04 -15.60
CA VAL A 82 3.22 -14.66 -15.69
C VAL A 82 3.11 -13.24 -16.26
N PHE A 83 2.34 -13.09 -17.34
CA PHE A 83 1.92 -11.77 -17.83
C PHE A 83 0.53 -11.50 -17.27
N ILE A 84 0.43 -10.50 -16.40
CA ILE A 84 -0.83 -10.13 -15.77
C ILE A 84 -1.61 -9.19 -16.71
N ALA A 85 -2.74 -9.66 -17.25
CA ALA A 85 -3.61 -8.86 -18.10
C ALA A 85 -4.98 -8.77 -17.46
N LEU A 86 -5.01 -8.93 -16.15
CA LEU A 86 -6.21 -8.74 -15.31
C LEU A 86 -6.36 -7.27 -14.91
N HIS A 87 -7.59 -6.84 -14.70
CA HIS A 87 -7.83 -5.47 -14.27
C HIS A 87 -8.74 -5.50 -13.05
N GLY A 88 -8.44 -4.64 -12.09
CA GLY A 88 -9.28 -4.53 -10.90
C GLY A 88 -8.88 -5.49 -9.79
N ARG A 89 -9.62 -5.39 -8.71
CA ARG A 89 -9.33 -6.19 -7.51
C ARG A 89 -9.26 -7.68 -7.86
N GLY A 90 -8.31 -8.33 -7.20
CA GLY A 90 -8.04 -9.74 -7.46
C GLY A 90 -6.93 -10.00 -8.47
N GLY A 91 -6.59 -9.02 -9.28
CA GLY A 91 -5.47 -9.13 -10.23
C GLY A 91 -4.53 -7.94 -10.17
N GLU A 92 -5.05 -6.77 -9.82
CA GLU A 92 -4.31 -5.53 -9.90
C GLU A 92 -3.98 -4.92 -8.51
N ASP A 93 -4.43 -5.54 -7.43
CA ASP A 93 -4.44 -4.90 -6.11
C ASP A 93 -3.50 -5.51 -5.07
N GLY A 94 -2.51 -6.26 -5.55
CA GLY A 94 -1.46 -6.78 -4.66
C GLY A 94 -1.68 -8.22 -4.16
N THR A 95 -2.93 -8.67 -4.21
CA THR A 95 -3.28 -9.98 -3.71
C THR A 95 -2.65 -11.05 -4.56
N LEU A 96 -2.90 -10.99 -5.86
CA LEU A 96 -2.29 -11.96 -6.79
C LEU A 96 -0.76 -11.82 -6.75
N GLN A 97 -0.27 -10.59 -6.72
CA GLN A 97 1.18 -10.39 -6.66
C GLN A 97 1.81 -11.11 -5.47
N GLY A 98 1.16 -11.04 -4.30
CA GLY A 98 1.69 -11.74 -3.11
C GLY A 98 1.73 -13.24 -3.28
N MET A 99 0.67 -13.79 -3.85
CA MET A 99 0.66 -15.22 -4.16
C MET A 99 1.81 -15.58 -5.10
N LEU A 100 2.02 -14.81 -6.15
CA LEU A 100 3.06 -15.13 -7.12
C LEU A 100 4.44 -14.99 -6.49
N GLU A 101 4.61 -14.02 -5.61
CA GLU A 101 5.89 -13.88 -4.91
C GLU A 101 6.20 -15.15 -4.13
N LEU A 102 5.19 -15.65 -3.41
CA LEU A 102 5.41 -16.83 -2.55
C LEU A 102 5.55 -18.11 -3.35
N MET A 103 4.92 -18.14 -4.52
CA MET A 103 5.06 -19.27 -5.46
C MET A 103 6.40 -19.24 -6.17
N GLY A 104 7.04 -18.07 -6.20
CA GLY A 104 8.32 -17.88 -6.85
C GLY A 104 8.29 -17.74 -8.36
N LEU A 105 7.17 -17.24 -8.90
CA LEU A 105 7.05 -17.00 -10.34
C LEU A 105 7.21 -15.52 -10.64
N PRO A 106 8.13 -15.16 -11.55
CA PRO A 106 8.22 -13.77 -11.98
C PRO A 106 6.94 -13.33 -12.67
N TYR A 107 6.62 -12.06 -12.54
CA TYR A 107 5.38 -11.52 -13.10
C TYR A 107 5.58 -10.08 -13.52
N THR A 108 4.73 -9.66 -14.47
CA THR A 108 4.78 -8.30 -14.99
C THR A 108 4.19 -7.27 -14.03
N GLY A 109 4.67 -6.04 -14.18
CA GLY A 109 4.10 -4.89 -13.45
C GLY A 109 4.62 -4.74 -12.02
N SER A 110 3.89 -3.92 -11.28
CA SER A 110 4.29 -3.52 -9.95
C SER A 110 4.18 -4.63 -8.93
N GLY A 111 4.93 -4.47 -7.86
CA GLY A 111 4.89 -5.45 -6.74
C GLY A 111 3.67 -5.25 -5.86
N VAL A 112 3.69 -5.92 -4.71
CA VAL A 112 2.54 -5.96 -3.81
C VAL A 112 2.11 -4.60 -3.31
N MET A 113 3.05 -3.83 -2.75
CA MET A 113 2.67 -2.56 -2.14
C MET A 113 2.13 -1.60 -3.18
N ALA A 114 2.84 -1.45 -4.30
CA ALA A 114 2.49 -0.38 -5.21
C ALA A 114 1.21 -0.74 -5.96
N SER A 115 0.97 -2.04 -6.18
CA SER A 115 -0.29 -2.49 -6.81
C SER A 115 -1.44 -2.21 -5.86
N ALA A 116 -1.30 -2.59 -4.59
CA ALA A 116 -2.35 -2.30 -3.62
C ALA A 116 -2.65 -0.81 -3.47
N LEU A 117 -1.59 -0.03 -3.44
CA LEU A 117 -1.71 1.39 -3.26
C LEU A 117 -2.37 2.05 -4.46
N SER A 118 -1.93 1.67 -5.67
CA SER A 118 -2.48 2.27 -6.88
C SER A 118 -3.97 1.91 -7.13
N MET A 119 -4.38 0.77 -6.56
CA MET A 119 -5.79 0.38 -6.67
C MET A 119 -6.65 1.27 -5.79
N ASP A 120 -6.11 1.75 -4.68
CA ASP A 120 -6.87 2.53 -3.70
C ASP A 120 -6.70 4.02 -4.00
N LYS A 121 -7.69 4.60 -4.69
CA LYS A 121 -7.60 5.99 -5.12
C LYS A 121 -7.50 6.91 -3.88
N LEU A 122 -8.20 6.57 -2.80
CA LEU A 122 -8.14 7.41 -1.60
C LEU A 122 -6.72 7.49 -1.05
N ARG A 123 -6.02 6.35 -0.95
CA ARG A 123 -4.68 6.38 -0.38
C ARG A 123 -3.64 6.86 -1.37
N SER A 124 -3.84 6.63 -2.68
CA SER A 124 -2.99 7.26 -3.69
C SER A 124 -3.07 8.78 -3.58
N LYS A 125 -4.28 9.30 -3.41
CA LYS A 125 -4.42 10.76 -3.31
C LYS A 125 -3.74 11.30 -2.05
N LEU A 126 -3.88 10.60 -0.92
CA LEU A 126 -3.22 11.06 0.32
C LEU A 126 -1.72 11.05 0.18
N LEU A 127 -1.20 9.99 -0.44
CA LEU A 127 0.24 9.84 -0.62
C LEU A 127 0.75 10.99 -1.49
N TRP A 128 0.06 11.22 -2.61
CA TRP A 128 0.50 12.27 -3.52
C TRP A 128 0.42 13.66 -2.87
N GLN A 129 -0.65 13.92 -2.14
CA GLN A 129 -0.80 15.20 -1.44
C GLN A 129 0.32 15.35 -0.39
N GLY A 130 0.64 14.26 0.30
CA GLY A 130 1.76 14.29 1.25
C GLY A 130 3.10 14.58 0.65
N ALA A 131 3.28 14.20 -0.62
CA ALA A 131 4.47 14.42 -1.42
C ALA A 131 4.45 15.79 -2.09
N GLY A 132 3.40 16.56 -1.85
CA GLY A 132 3.26 17.88 -2.50
C GLY A 132 2.87 17.86 -3.96
N LEU A 133 2.27 16.76 -4.42
CA LEU A 133 1.86 16.66 -5.81
C LEU A 133 0.40 17.10 -5.95
N PRO A 134 0.01 17.59 -7.14
CA PRO A 134 -1.34 18.19 -7.29
C PRO A 134 -2.46 17.18 -7.46
N VAL A 135 -3.50 17.31 -6.61
CA VAL A 135 -4.68 16.44 -6.63
C VAL A 135 -5.95 17.32 -6.52
N ALA A 136 -7.07 16.88 -7.06
CA ALA A 136 -8.32 17.66 -6.97
C ALA A 136 -8.82 17.64 -5.54
N PRO A 137 -9.37 18.77 -5.05
CA PRO A 137 -10.02 18.74 -3.75
C PRO A 137 -11.05 17.63 -3.70
N TRP A 138 -11.15 16.98 -2.54
CA TRP A 138 -12.04 15.84 -2.39
C TRP A 138 -12.51 15.61 -0.96
N VAL A 139 -13.57 14.80 -0.86
CA VAL A 139 -14.02 14.28 0.43
C VAL A 139 -14.11 12.77 0.28
N ALA A 140 -13.57 12.03 1.23
CA ALA A 140 -13.71 10.59 1.25
C ALA A 140 -14.82 10.17 2.21
N LEU A 141 -15.55 9.13 1.83
CA LEU A 141 -16.61 8.56 2.71
C LEU A 141 -16.52 7.03 2.80
N THR A 142 -16.69 6.51 4.01
CA THR A 142 -16.90 5.08 4.20
C THR A 142 -18.38 4.76 4.10
N ARG A 143 -18.69 3.49 3.89
CA ARG A 143 -20.11 3.07 3.84
C ARG A 143 -20.88 3.44 5.12
N ALA A 144 -20.23 3.21 6.25
CA ALA A 144 -20.81 3.52 7.56
C ALA A 144 -21.09 5.02 7.73
N GLU A 145 -20.19 5.87 7.24
CA GLU A 145 -20.39 7.33 7.28
C GLU A 145 -21.61 7.74 6.47
N PHE A 146 -21.78 7.18 5.27
CA PHE A 146 -22.88 7.56 4.41
C PHE A 146 -24.20 6.99 4.94
N GLU A 147 -24.21 5.70 5.26
CA GLU A 147 -25.50 5.04 5.45
C GLU A 147 -26.04 5.38 6.82
N LYS A 148 -25.18 5.82 7.75
CA LYS A 148 -25.62 6.31 9.08
C LYS A 148 -25.88 7.83 9.12
N GLY A 149 -25.66 8.50 7.99
CA GLY A 149 -25.98 9.92 7.87
C GLY A 149 -24.75 10.80 7.96
N LEU A 150 -24.61 11.70 6.99
CA LEU A 150 -23.46 12.58 6.91
C LEU A 150 -23.47 13.60 8.05
N SER A 151 -22.32 13.74 8.70
CA SER A 151 -22.10 14.74 9.74
C SER A 151 -22.15 16.15 9.13
N ASP A 152 -22.31 17.15 10.01
CA ASP A 152 -22.31 18.55 9.59
C ASP A 152 -20.98 18.99 8.98
N LYS A 153 -19.89 18.52 9.57
CA LYS A 153 -18.56 18.79 9.05
C LYS A 153 -18.40 18.24 7.62
N GLN A 154 -18.87 17.01 7.40
CA GLN A 154 -18.77 16.39 6.07
C GLN A 154 -19.63 17.10 5.07
N LEU A 155 -20.81 17.53 5.51
CA LEU A 155 -21.70 18.24 4.64
C LEU A 155 -21.07 19.57 4.23
N ALA A 156 -20.37 20.22 5.17
CA ALA A 156 -19.71 21.50 4.90
C ALA A 156 -18.58 21.35 3.87
N GLU A 157 -17.79 20.29 4.02
CA GLU A 157 -16.67 19.96 3.13
C GLU A 157 -17.18 19.65 1.72
N ILE A 158 -18.27 18.89 1.65
CA ILE A 158 -18.91 18.60 0.36
C ILE A 158 -19.41 19.90 -0.27
N SER A 159 -20.12 20.72 0.52
CA SER A 159 -20.60 21.98 -0.02
C SER A 159 -19.46 22.87 -0.57
N ALA A 160 -18.31 22.84 0.11
CA ALA A 160 -17.17 23.66 -0.30
C ALA A 160 -16.58 23.25 -1.65
N LEU A 161 -16.84 22.01 -2.08
CA LEU A 161 -16.39 21.57 -3.40
C LEU A 161 -17.13 22.25 -4.55
N GLY A 162 -18.34 22.76 -4.25
CA GLY A 162 -19.23 23.30 -5.26
C GLY A 162 -19.82 22.17 -6.12
N LEU A 163 -20.52 22.54 -7.19
CA LEU A 163 -21.03 21.61 -8.17
C LEU A 163 -20.60 22.11 -9.55
N PRO A 164 -20.46 21.19 -10.52
CA PRO A 164 -20.63 19.74 -10.33
C PRO A 164 -19.46 19.10 -9.56
N VAL A 165 -19.68 17.86 -9.14
CA VAL A 165 -18.63 16.96 -8.64
C VAL A 165 -18.71 15.64 -9.39
N ILE A 166 -17.62 14.86 -9.27
CA ILE A 166 -17.65 13.49 -9.73
C ILE A 166 -17.56 12.59 -8.50
N VAL A 167 -18.23 11.46 -8.58
CA VAL A 167 -18.23 10.46 -7.49
C VAL A 167 -17.63 9.17 -8.03
N LYS A 168 -16.72 8.56 -7.28
CA LYS A 168 -16.10 7.31 -7.73
C LYS A 168 -15.93 6.34 -6.58
N PRO A 169 -16.05 5.04 -6.84
CA PRO A 169 -15.57 4.07 -5.86
C PRO A 169 -14.05 4.29 -5.67
N SER A 170 -13.54 3.95 -4.50
CA SER A 170 -12.08 4.08 -4.35
C SER A 170 -11.29 3.08 -5.21
N ARG A 171 -11.82 1.85 -5.37
CA ARG A 171 -11.02 0.74 -5.88
C ARG A 171 -11.53 0.10 -7.16
N GLU A 172 -12.11 0.89 -8.05
CA GLU A 172 -12.55 0.40 -9.36
C GLU A 172 -11.64 0.85 -10.50
N GLY A 173 -12.06 0.52 -11.74
CA GLY A 173 -11.40 0.97 -12.96
C GLY A 173 -12.44 1.03 -14.04
N SER A 174 -12.04 1.45 -15.22
CA SER A 174 -12.91 1.47 -16.40
C SER A 174 -14.12 2.39 -16.20
N SER A 175 -13.99 3.37 -15.29
CA SER A 175 -15.09 4.24 -14.91
C SER A 175 -16.30 3.54 -14.32
N VAL A 176 -16.07 2.33 -13.79
CA VAL A 176 -17.18 1.60 -13.17
C VAL A 176 -17.60 2.33 -11.89
N GLY A 177 -18.92 2.47 -11.71
CA GLY A 177 -19.47 3.01 -10.47
C GLY A 177 -19.39 4.54 -10.38
N MET A 178 -18.96 5.18 -11.47
CA MET A 178 -18.68 6.61 -11.45
C MET A 178 -19.81 7.42 -12.08
N SER A 179 -20.01 8.63 -11.57
CA SER A 179 -21.03 9.51 -12.17
C SER A 179 -20.80 10.95 -11.82
N LYS A 180 -21.33 11.82 -12.67
CA LYS A 180 -21.25 13.26 -12.46
C LYS A 180 -22.51 13.75 -11.76
N VAL A 181 -22.33 14.56 -10.72
CA VAL A 181 -23.46 15.12 -9.97
C VAL A 181 -23.64 16.57 -10.33
N VAL A 182 -24.86 16.90 -10.77
CA VAL A 182 -25.15 18.25 -11.26
C VAL A 182 -26.15 19.00 -10.38
N ALA A 183 -26.78 18.28 -9.45
CA ALA A 183 -27.77 18.84 -8.49
C ALA A 183 -27.49 18.31 -7.08
N GLU A 184 -27.58 19.20 -6.08
CA GLU A 184 -27.31 18.76 -4.69
C GLU A 184 -28.10 17.53 -4.29
N ASN A 185 -29.39 17.49 -4.63
CA ASN A 185 -30.24 16.39 -4.16
C ASN A 185 -29.90 15.07 -4.83
N ALA A 186 -29.10 15.11 -5.90
CA ALA A 186 -28.74 13.87 -6.61
C ALA A 186 -27.40 13.33 -6.19
N LEU A 187 -26.70 14.01 -5.27
CA LEU A 187 -25.44 13.42 -4.73
C LEU A 187 -25.73 12.04 -4.14
N GLN A 188 -26.86 11.88 -3.47
CA GLN A 188 -27.18 10.59 -2.83
C GLN A 188 -27.29 9.44 -3.86
N ASP A 189 -27.79 9.75 -5.06
CA ASP A 189 -27.90 8.74 -6.10
C ASP A 189 -26.52 8.36 -6.58
N ALA A 190 -25.63 9.34 -6.74
CA ALA A 190 -24.24 9.03 -7.14
C ALA A 190 -23.56 8.20 -6.08
N LEU A 191 -23.78 8.55 -4.81
CA LEU A 191 -23.16 7.79 -3.70
C LEU A 191 -23.71 6.36 -3.65
N ARG A 192 -25.04 6.17 -3.82
CA ARG A 192 -25.57 4.79 -3.81
C ARG A 192 -24.95 3.97 -4.94
N LEU A 193 -24.80 4.55 -6.13
CA LEU A 193 -24.17 3.79 -7.19
C LEU A 193 -22.74 3.40 -6.81
N ALA A 194 -21.95 4.35 -6.33
CA ALA A 194 -20.54 4.03 -6.03
C ALA A 194 -20.41 2.96 -4.94
N PHE A 195 -21.31 3.05 -3.96
CA PHE A 195 -21.31 2.04 -2.87
C PHE A 195 -21.81 0.67 -3.29
N GLN A 196 -22.35 0.55 -4.50
CA GLN A 196 -22.60 -0.77 -5.08
C GLN A 196 -21.30 -1.48 -5.44
N HIS A 197 -20.21 -0.73 -5.49
CA HIS A 197 -18.96 -1.28 -5.99
C HIS A 197 -17.82 -1.27 -4.99
N ASP A 198 -17.95 -0.51 -3.92
CA ASP A 198 -16.88 -0.49 -2.92
C ASP A 198 -17.43 -0.02 -1.61
N GLU A 199 -16.61 -0.17 -0.57
CA GLU A 199 -16.96 0.21 0.78
C GLU A 199 -16.47 1.60 1.12
N GLU A 200 -15.69 2.20 0.22
CA GLU A 200 -15.12 3.52 0.39
C GLU A 200 -15.26 4.22 -0.94
N VAL A 201 -15.60 5.50 -0.89
CA VAL A 201 -15.87 6.30 -2.11
C VAL A 201 -15.24 7.68 -2.00
N LEU A 202 -15.04 8.32 -3.15
CA LEU A 202 -14.51 9.69 -3.24
C LEU A 202 -15.52 10.60 -3.93
N ILE A 203 -15.70 11.78 -3.36
CA ILE A 203 -16.39 12.89 -4.04
C ILE A 203 -15.29 13.89 -4.37
N GLU A 204 -15.14 14.21 -5.65
CA GLU A 204 -14.04 15.08 -6.10
C GLU A 204 -14.56 16.29 -6.83
N LYS A 205 -13.88 17.42 -6.63
CA LYS A 205 -14.15 18.63 -7.43
C LYS A 205 -14.11 18.29 -8.91
N TRP A 206 -15.08 18.80 -9.67
CA TRP A 206 -15.06 18.62 -11.13
C TRP A 206 -13.94 19.42 -11.75
N LEU A 207 -13.14 18.73 -12.56
CA LEU A 207 -12.03 19.36 -13.28
C LEU A 207 -12.47 19.69 -14.70
N SER A 208 -12.05 20.86 -15.21
CA SER A 208 -12.50 21.33 -16.52
C SER A 208 -11.95 20.51 -17.68
N GLY A 209 -10.78 19.89 -17.49
CA GLY A 209 -10.07 19.30 -18.61
C GLY A 209 -9.33 20.42 -19.35
N PRO A 210 -8.67 20.09 -20.47
CA PRO A 210 -8.70 18.77 -21.11
C PRO A 210 -8.03 17.65 -20.31
N GLU A 211 -8.29 16.42 -20.76
CA GLU A 211 -7.86 15.19 -20.14
C GLU A 211 -6.72 14.55 -20.90
N PHE A 212 -5.78 14.03 -20.11
CA PHE A 212 -4.60 13.35 -20.65
C PHE A 212 -4.36 12.01 -19.98
N THR A 213 -3.56 11.20 -20.62
CA THR A 213 -3.03 10.01 -19.98
C THR A 213 -1.59 9.79 -20.41
N VAL A 214 -0.79 9.26 -19.50
CA VAL A 214 0.65 9.10 -19.71
C VAL A 214 1.07 7.71 -19.30
N ALA A 215 1.54 6.93 -20.28
CA ALA A 215 2.08 5.60 -20.01
C ALA A 215 3.55 5.60 -19.62
N ILE A 216 3.88 4.66 -18.75
CA ILE A 216 5.25 4.40 -18.33
C ILE A 216 5.67 3.00 -18.76
N LEU A 217 6.88 2.87 -19.30
CA LEU A 217 7.39 1.55 -19.73
C LEU A 217 8.83 1.48 -19.28
N GLY A 218 9.11 0.71 -18.23
CA GLY A 218 10.48 0.71 -17.66
C GLY A 218 10.84 2.12 -17.16
N GLU A 219 11.95 2.64 -17.67
CA GLU A 219 12.41 3.99 -17.31
C GLU A 219 11.93 5.00 -18.33
N GLU A 220 11.13 4.58 -19.29
CA GLU A 220 10.71 5.48 -20.37
C GLU A 220 9.30 6.01 -20.06
N ILE A 221 9.12 7.31 -20.16
CA ILE A 221 7.79 7.89 -20.20
C ILE A 221 7.41 8.01 -21.67
N LEU A 222 6.23 7.50 -22.01
CA LEU A 222 5.77 7.48 -23.37
C LEU A 222 5.01 8.80 -23.65
N PRO A 223 4.82 9.15 -24.94
CA PRO A 223 4.12 10.39 -25.29
C PRO A 223 2.74 10.47 -24.70
N SER A 224 2.38 11.62 -24.14
CA SER A 224 1.03 11.76 -23.59
C SER A 224 -0.03 11.68 -24.68
N ILE A 225 -1.25 11.33 -24.27
CA ILE A 225 -2.41 11.26 -25.16
C ILE A 225 -3.43 12.21 -24.60
N ARG A 226 -3.97 13.08 -25.44
CA ARG A 226 -5.13 13.89 -25.07
C ARG A 226 -6.39 13.13 -25.47
N ILE A 227 -7.32 13.02 -24.52
CA ILE A 227 -8.55 12.22 -24.67
C ILE A 227 -9.74 13.15 -24.63
N GLN A 228 -10.55 13.11 -25.70
CA GLN A 228 -11.76 13.94 -25.79
C GLN A 228 -13.01 13.07 -25.97
N PRO A 229 -13.71 12.73 -24.86
CA PRO A 229 -14.97 11.99 -24.93
C PRO A 229 -16.04 12.84 -25.59
N SER A 230 -17.03 12.19 -26.19
CA SER A 230 -18.13 12.93 -26.81
C SER A 230 -19.19 13.35 -25.80
N GLY A 231 -19.20 12.69 -24.66
CA GLY A 231 -20.23 12.97 -23.65
C GLY A 231 -19.63 13.61 -22.43
N THR A 232 -20.21 13.30 -21.28
CA THR A 232 -19.89 14.01 -20.08
C THR A 232 -18.47 13.76 -19.49
N PHE A 233 -17.99 12.52 -19.59
CA PHE A 233 -16.65 12.20 -19.14
C PHE A 233 -16.23 10.94 -19.86
N TYR A 234 -15.00 10.46 -19.58
CA TYR A 234 -14.49 9.27 -20.28
C TYR A 234 -15.01 8.04 -19.53
N ASP A 235 -16.27 7.73 -19.78
CA ASP A 235 -16.99 6.67 -19.05
C ASP A 235 -16.80 5.34 -19.78
N TYR A 236 -17.46 4.27 -19.33
CA TYR A 236 -17.20 2.94 -19.89
C TYR A 236 -17.52 2.93 -21.38
N GLU A 237 -18.64 3.55 -21.78
CA GLU A 237 -19.01 3.61 -23.17
C GLU A 237 -17.96 4.34 -24.00
N ALA A 238 -17.50 5.46 -23.49
CA ALA A 238 -16.50 6.25 -24.21
C ALA A 238 -15.16 5.51 -24.35
N LYS A 239 -14.81 4.72 -23.33
CA LYS A 239 -13.58 3.93 -23.32
C LYS A 239 -13.59 2.76 -24.30
N TYR A 240 -14.71 2.02 -24.36
CA TYR A 240 -14.66 0.72 -25.03
C TYR A 240 -15.64 0.54 -26.16
N LEU A 241 -16.65 1.40 -26.27
CA LEU A 241 -17.75 1.09 -27.21
C LEU A 241 -18.05 2.21 -28.20
N SER A 242 -17.57 3.40 -27.94
CA SER A 242 -17.87 4.54 -28.81
C SER A 242 -16.88 4.69 -29.96
N ASP A 243 -17.40 5.05 -31.14
CA ASP A 243 -16.58 5.46 -32.26
C ASP A 243 -16.37 6.97 -32.28
N GLU A 244 -16.88 7.65 -31.24
CA GLU A 244 -16.88 9.12 -31.20
C GLU A 244 -15.82 9.74 -30.32
N THR A 245 -15.21 8.93 -29.43
CA THR A 245 -14.11 9.44 -28.61
C THR A 245 -12.95 9.85 -29.54
N GLN A 246 -12.37 11.01 -29.30
CA GLN A 246 -11.22 11.47 -30.07
C GLN A 246 -9.98 11.37 -29.22
N TYR A 247 -8.89 11.00 -29.86
CA TYR A 247 -7.58 10.85 -29.22
C TYR A 247 -6.54 11.62 -30.02
N PHE A 248 -5.61 12.24 -29.30
CA PHE A 248 -4.54 13.01 -29.97
C PHE A 248 -3.25 12.57 -29.36
N CYS A 249 -2.42 11.93 -30.17
CA CYS A 249 -1.09 11.51 -29.74
C CYS A 249 -0.19 11.62 -30.97
N PRO A 250 0.74 12.59 -30.94
CA PRO A 250 1.04 13.50 -29.83
C PRO A 250 -0.13 14.43 -29.41
N ALA A 251 -0.08 14.92 -28.17
CA ALA A 251 -1.23 15.53 -27.53
C ALA A 251 -1.45 16.97 -27.87
N GLY A 252 -0.47 17.56 -28.55
CA GLY A 252 -0.60 18.93 -29.03
C GLY A 252 -0.21 19.99 -28.00
N LEU A 253 0.45 19.59 -26.94
CA LEU A 253 0.98 20.55 -25.96
C LEU A 253 2.26 21.21 -26.46
N GLU A 254 2.46 22.46 -26.03
CA GLU A 254 3.73 23.16 -26.21
C GLU A 254 4.77 22.24 -25.58
N ALA A 255 5.99 22.21 -26.14
CA ALA A 255 7.03 21.25 -25.72
C ALA A 255 7.34 21.29 -24.22
N SER A 256 7.43 22.50 -23.67
CA SER A 256 7.69 22.65 -22.23
C SER A 256 6.57 22.05 -21.36
N GLN A 257 5.34 22.10 -21.85
CA GLN A 257 4.20 21.57 -21.10
C GLN A 257 4.10 20.08 -21.19
N GLU A 258 4.41 19.51 -22.36
CA GLU A 258 4.55 18.06 -22.47
C GLU A 258 5.64 17.59 -21.49
N ALA A 259 6.78 18.28 -21.45
CA ALA A 259 7.84 17.93 -20.51
C ALA A 259 7.41 18.03 -19.05
N ASN A 260 6.67 19.10 -18.71
CA ASN A 260 6.13 19.26 -17.35
C ASN A 260 5.22 18.11 -16.99
N LEU A 261 4.31 17.77 -17.90
CA LEU A 261 3.37 16.69 -17.67
C LEU A 261 4.11 15.37 -17.47
N GLN A 262 5.08 15.09 -18.33
CA GLN A 262 5.91 13.87 -18.20
C GLN A 262 6.66 13.84 -16.88
N ALA A 263 7.17 14.98 -16.43
CA ALA A 263 7.92 15.01 -15.17
C ALA A 263 7.01 14.82 -13.94
N LEU A 264 5.81 15.39 -14.01
CA LEU A 264 4.79 15.20 -12.98
C LEU A 264 4.41 13.73 -12.86
N VAL A 265 4.17 13.09 -13.99
CA VAL A 265 3.82 11.68 -13.99
C VAL A 265 4.97 10.80 -13.48
N LEU A 266 6.22 11.11 -13.90
CA LEU A 266 7.37 10.36 -13.38
C LEU A 266 7.42 10.47 -11.84
N LYS A 267 7.22 11.68 -11.30
CA LYS A 267 7.27 11.86 -9.84
C LYS A 267 6.09 11.14 -9.16
N ALA A 268 4.91 11.21 -9.77
CA ALA A 268 3.77 10.42 -9.25
C ALA A 268 4.00 8.90 -9.20
N TRP A 269 4.64 8.39 -10.24
CA TRP A 269 4.96 6.99 -10.39
C TRP A 269 5.98 6.53 -9.37
N THR A 270 7.03 7.32 -9.22
CA THR A 270 8.08 6.91 -8.30
C THR A 270 7.60 7.06 -6.86
N THR A 271 6.75 8.06 -6.59
CA THR A 271 6.20 8.24 -5.23
C THR A 271 5.40 7.03 -4.82
N LEU A 272 4.61 6.45 -5.73
CA LEU A 272 3.82 5.26 -5.44
C LEU A 272 4.67 4.00 -5.33
N GLY A 273 5.87 4.02 -5.92
CA GLY A 273 6.74 2.84 -5.86
C GLY A 273 6.46 1.84 -6.96
N CYS A 274 5.78 2.28 -8.01
CA CYS A 274 5.36 1.39 -9.08
C CYS A 274 6.57 0.98 -9.89
N LYS A 275 6.44 -0.13 -10.59
CA LYS A 275 7.52 -0.59 -11.47
C LYS A 275 7.01 -1.36 -12.69
N GLY A 276 7.89 -1.51 -13.67
CA GLY A 276 7.59 -2.30 -14.85
C GLY A 276 6.89 -1.46 -15.90
N TRP A 277 5.60 -1.21 -15.71
CA TRP A 277 4.85 -0.43 -16.68
C TRP A 277 3.53 -0.02 -16.04
N GLY A 278 2.90 1.00 -16.60
CA GLY A 278 1.60 1.44 -16.08
C GLY A 278 1.12 2.67 -16.80
N ARG A 279 0.08 3.30 -16.25
CA ARG A 279 -0.49 4.46 -16.97
C ARG A 279 -1.18 5.34 -15.95
N ILE A 280 -0.84 6.64 -15.99
CA ILE A 280 -1.39 7.61 -15.03
C ILE A 280 -2.32 8.61 -15.75
N ASP A 281 -3.48 8.83 -15.16
CA ASP A 281 -4.51 9.69 -15.76
C ASP A 281 -4.45 11.04 -15.09
N VAL A 282 -4.51 12.10 -15.91
CA VAL A 282 -4.25 13.47 -15.46
C VAL A 282 -5.23 14.43 -16.16
N MET A 283 -5.69 15.48 -15.49
CA MET A 283 -6.54 16.51 -16.13
C MET A 283 -6.06 17.92 -15.83
N LEU A 284 -6.15 18.82 -16.82
CA LEU A 284 -6.03 20.23 -16.50
C LEU A 284 -7.31 20.68 -15.82
N ASP A 285 -7.18 21.71 -14.97
CA ASP A 285 -8.33 22.44 -14.42
C ASP A 285 -8.29 23.88 -14.90
N SER A 286 -9.32 24.64 -14.58
CA SER A 286 -9.43 25.95 -15.19
C SER A 286 -8.38 26.94 -14.69
N ASP A 287 -7.63 26.58 -13.65
CA ASP A 287 -6.45 27.33 -13.20
C ASP A 287 -5.16 27.08 -14.05
N GLY A 288 -5.28 26.22 -15.06
CA GLY A 288 -4.14 25.91 -15.92
C GLY A 288 -3.13 24.90 -15.37
N GLN A 289 -3.46 24.29 -14.23
CA GLN A 289 -2.55 23.34 -13.57
C GLN A 289 -3.04 21.92 -13.87
N PHE A 290 -2.09 21.01 -13.98
CA PHE A 290 -2.42 19.57 -14.06
C PHE A 290 -2.74 18.99 -12.69
N TYR A 291 -3.70 18.07 -12.68
CA TYR A 291 -4.08 17.36 -11.44
C TYR A 291 -4.06 15.89 -11.70
N LEU A 292 -3.48 15.15 -10.76
CA LEU A 292 -3.41 13.69 -10.89
C LEU A 292 -4.74 13.04 -10.49
N LEU A 293 -5.24 12.10 -11.30
CA LEU A 293 -6.46 11.37 -10.99
C LEU A 293 -6.15 10.05 -10.30
N GLU A 294 -5.30 9.24 -10.93
CA GLU A 294 -5.04 7.87 -10.44
C GLU A 294 -3.92 7.25 -11.27
N ALA A 295 -3.37 6.19 -10.70
CA ALA A 295 -2.43 5.36 -11.44
C ALA A 295 -3.06 4.00 -11.65
N ASN A 296 -2.74 3.41 -12.82
CA ASN A 296 -3.17 2.06 -13.15
C ASN A 296 -1.95 1.17 -13.35
N THR A 297 -1.85 0.09 -12.57
CA THR A 297 -0.66 -0.80 -12.64
C THR A 297 -0.85 -2.04 -13.50
N SER A 298 -2.10 -2.37 -13.88
CA SER A 298 -2.31 -3.33 -15.01
C SER A 298 -3.24 -2.71 -16.09
N PRO A 299 -2.71 -1.73 -16.86
CA PRO A 299 -3.57 -0.98 -17.80
C PRO A 299 -4.25 -1.83 -18.86
N GLY A 300 -5.38 -1.33 -19.42
CA GLY A 300 -6.01 -2.03 -20.57
C GLY A 300 -5.02 -2.27 -21.70
N MET A 301 -5.15 -3.42 -22.34
CA MET A 301 -4.24 -3.79 -23.41
C MET A 301 -5.03 -4.37 -24.54
N THR A 302 -6.27 -3.89 -24.74
CA THR A 302 -7.02 -4.24 -25.91
C THR A 302 -6.21 -3.64 -27.09
N SER A 303 -6.48 -4.13 -28.28
CA SER A 303 -5.79 -3.56 -29.45
C SER A 303 -5.85 -2.05 -29.49
N HIS A 304 -7.00 -1.51 -29.10
CA HIS A 304 -7.25 -0.08 -29.21
C HIS A 304 -7.08 0.66 -27.86
N SER A 305 -6.42 0.04 -26.88
CA SER A 305 -6.29 0.67 -25.52
C SER A 305 -5.24 1.77 -25.59
N LEU A 306 -5.13 2.50 -24.49
CA LEU A 306 -4.26 3.69 -24.46
C LEU A 306 -2.77 3.40 -24.39
N VAL A 307 -2.34 2.42 -23.61
CA VAL A 307 -0.90 2.10 -23.59
C VAL A 307 -0.42 1.71 -25.02
N PRO A 308 -1.15 0.88 -25.76
CA PRO A 308 -0.67 0.57 -27.12
C PRO A 308 -0.63 1.84 -28.00
N MET A 309 -1.59 2.74 -27.82
CA MET A 309 -1.65 3.96 -28.64
C MET A 309 -0.40 4.82 -28.38
N ALA A 310 0.00 4.99 -27.12
CA ALA A 310 1.20 5.77 -26.82
C ALA A 310 2.46 5.07 -27.27
N ALA A 311 2.52 3.75 -27.08
CA ALA A 311 3.67 3.00 -27.53
C ALA A 311 3.84 3.07 -29.06
N ARG A 312 2.71 3.15 -29.80
CA ARG A 312 2.77 3.21 -31.25
C ARG A 312 3.41 4.52 -31.65
N GLN A 313 3.15 5.58 -30.89
CA GLN A 313 3.74 6.89 -31.22
C GLN A 313 5.21 7.00 -30.81
N ALA A 314 5.68 6.06 -30.01
CA ALA A 314 7.07 5.98 -29.58
C ALA A 314 7.78 4.85 -30.33
N GLY A 315 7.20 4.43 -31.46
CA GLY A 315 7.88 3.49 -32.36
C GLY A 315 7.68 2.00 -32.13
N MET A 316 6.73 1.62 -31.29
CA MET A 316 6.55 0.19 -30.94
C MET A 316 5.26 -0.38 -31.48
N SER A 317 5.35 -1.52 -32.14
CA SER A 317 4.15 -2.32 -32.45
C SER A 317 3.60 -2.91 -31.17
N PHE A 318 2.37 -3.40 -31.23
CA PHE A 318 1.78 -4.02 -30.05
C PHE A 318 2.62 -5.20 -29.56
N SER A 319 3.08 -6.05 -30.47
CA SER A 319 3.93 -7.17 -30.08
C SER A 319 5.22 -6.68 -29.44
N GLN A 320 5.84 -5.64 -30.00
CA GLN A 320 7.08 -5.13 -29.41
C GLN A 320 6.81 -4.67 -27.96
N LEU A 321 5.66 -4.02 -27.76
CA LEU A 321 5.28 -3.50 -26.45
C LEU A 321 5.14 -4.66 -25.46
N VAL A 322 4.38 -5.69 -25.81
CA VAL A 322 4.18 -6.75 -24.82
C VAL A 322 5.45 -7.55 -24.55
N VAL A 323 6.27 -7.76 -25.57
CA VAL A 323 7.56 -8.44 -25.33
C VAL A 323 8.42 -7.60 -24.37
N ARG A 324 8.41 -6.28 -24.51
CA ARG A 324 9.17 -5.40 -23.59
C ARG A 324 8.63 -5.46 -22.18
N ILE A 325 7.30 -5.44 -22.02
CA ILE A 325 6.70 -5.56 -20.68
C ILE A 325 7.12 -6.85 -20.00
N LEU A 326 7.12 -7.94 -20.77
CA LEU A 326 7.50 -9.25 -20.24
C LEU A 326 8.98 -9.28 -19.86
N GLU A 327 9.83 -8.71 -20.73
CA GLU A 327 11.29 -8.67 -20.48
C GLU A 327 11.60 -7.96 -19.14
N LEU A 328 10.77 -7.00 -18.78
CA LEU A 328 10.96 -6.24 -17.54
C LEU A 328 10.63 -7.04 -16.28
N ALA A 329 9.87 -8.13 -16.41
CA ALA A 329 9.52 -8.92 -15.23
C ALA A 329 10.75 -9.59 -14.64
N ASP A 330 10.80 -9.53 -13.31
CA ASP A 330 11.78 -10.08 -12.35
C ASP A 330 12.63 -11.34 -12.69
N MET B 25 -15.83 -31.04 13.76
CA MET B 25 -14.50 -30.72 14.34
C MET B 25 -14.19 -29.22 14.38
N THR B 26 -13.61 -28.77 15.49
CA THR B 26 -13.22 -27.38 15.65
C THR B 26 -12.14 -26.98 14.66
N ASP B 27 -12.08 -25.70 14.35
CA ASP B 27 -11.02 -25.17 13.47
C ASP B 27 -9.63 -25.58 13.96
N LYS B 28 -8.76 -25.91 13.00
CA LYS B 28 -7.33 -26.09 13.24
C LYS B 28 -6.62 -24.80 12.82
N ILE B 29 -5.86 -24.21 13.74
CA ILE B 29 -5.24 -22.90 13.54
C ILE B 29 -3.74 -23.07 13.37
N ALA B 30 -3.17 -22.43 12.33
CA ALA B 30 -1.72 -22.37 12.18
C ALA B 30 -1.22 -21.07 12.79
N VAL B 31 -0.25 -21.15 13.71
CA VAL B 31 0.45 -19.97 14.23
C VAL B 31 1.76 -19.84 13.46
N LEU B 32 1.84 -18.85 12.57
CA LEU B 32 3.03 -18.73 11.75
C LEU B 32 4.07 -17.95 12.53
N LEU B 33 5.27 -18.52 12.64
CA LEU B 33 6.32 -17.91 13.48
C LEU B 33 7.69 -18.22 12.92
N GLY B 34 8.68 -17.43 13.32
CA GLY B 34 10.05 -17.62 12.82
C GLY B 34 10.24 -16.89 11.51
N GLY B 35 10.20 -17.64 10.41
CA GLY B 35 10.45 -17.03 9.10
C GLY B 35 11.90 -16.66 8.87
N THR B 36 12.16 -15.76 7.93
CA THR B 36 13.55 -15.49 7.54
C THR B 36 14.06 -14.03 7.68
N SER B 37 13.35 -13.21 8.41
CA SER B 37 13.78 -11.81 8.57
C SER B 37 14.78 -11.57 9.73
N ALA B 38 15.25 -10.33 9.83
CA ALA B 38 16.12 -9.92 10.93
C ALA B 38 15.43 -10.05 12.28
N GLU B 39 14.11 -10.16 12.24
CA GLU B 39 13.31 -10.25 13.45
C GLU B 39 12.91 -11.69 13.73
N ARG B 40 13.55 -12.66 13.06
CA ARG B 40 13.23 -14.11 13.27
C ARG B 40 13.25 -14.52 14.77
N GLU B 41 14.27 -14.15 15.54
CA GLU B 41 14.33 -14.64 16.91
C GLU B 41 13.21 -14.08 17.76
N VAL B 42 12.87 -12.82 17.51
CA VAL B 42 11.72 -12.17 18.20
C VAL B 42 10.44 -12.95 17.83
N SER B 43 10.30 -13.27 16.54
CA SER B 43 9.09 -13.97 16.08
C SER B 43 8.96 -15.38 16.67
N LEU B 44 10.09 -16.08 16.83
CA LEU B 44 10.02 -17.41 17.45
C LEU B 44 9.46 -17.26 18.87
N ASN B 45 9.91 -16.22 19.59
CA ASN B 45 9.38 -15.93 20.93
C ASN B 45 7.91 -15.49 20.93
N SER B 46 7.54 -14.63 19.98
CA SER B 46 6.14 -14.20 19.85
C SER B 46 5.21 -15.36 19.59
N GLY B 47 5.61 -16.18 18.63
CA GLY B 47 4.80 -17.34 18.27
C GLY B 47 4.69 -18.38 19.37
N ALA B 48 5.75 -18.57 20.15
CA ALA B 48 5.68 -19.48 21.30
C ALA B 48 4.67 -18.98 22.33
N ALA B 49 4.68 -17.68 22.61
CA ALA B 49 3.65 -17.09 23.48
C ALA B 49 2.24 -17.22 22.94
N VAL B 50 2.05 -16.82 21.68
CA VAL B 50 0.72 -16.90 21.06
C VAL B 50 0.16 -18.33 21.10
N LEU B 51 1.00 -19.31 20.80
CA LEU B 51 0.58 -20.72 20.75
C LEU B 51 0.04 -21.17 22.11
N ALA B 52 0.80 -20.88 23.17
CA ALA B 52 0.35 -21.26 24.52
C ALA B 52 -0.93 -20.50 24.90
N GLY B 53 -1.03 -19.22 24.54
CA GLY B 53 -2.25 -18.46 24.82
C GLY B 53 -3.47 -19.03 24.13
N LEU B 54 -3.31 -19.37 22.85
CA LEU B 54 -4.45 -19.92 22.11
C LEU B 54 -4.87 -21.26 22.72
N ARG B 55 -3.89 -22.11 23.03
CA ARG B 55 -4.29 -23.43 23.56
C ARG B 55 -4.93 -23.30 24.95
N GLU B 56 -4.36 -22.45 25.78
CA GLU B 56 -4.94 -22.10 27.06
C GLU B 56 -6.40 -21.63 26.88
N GLY B 57 -6.71 -20.98 25.76
CA GLY B 57 -8.08 -20.56 25.43
C GLY B 57 -8.95 -21.59 24.73
N GLY B 58 -8.48 -22.83 24.64
CA GLY B 58 -9.29 -23.91 24.06
C GLY B 58 -9.21 -23.98 22.55
N ILE B 59 -8.26 -23.25 21.95
CA ILE B 59 -8.11 -23.25 20.51
C ILE B 59 -7.13 -24.35 20.05
N ASP B 60 -7.51 -25.05 18.96
CA ASP B 60 -6.68 -26.13 18.42
C ASP B 60 -5.56 -25.56 17.52
N ALA B 61 -4.53 -24.98 18.16
CA ALA B 61 -3.48 -24.25 17.43
C ALA B 61 -2.18 -25.04 17.34
N TYR B 62 -1.43 -24.82 16.25
CA TYR B 62 -0.15 -25.51 16.00
C TYR B 62 0.86 -24.56 15.38
N PRO B 63 2.12 -24.65 15.78
CA PRO B 63 3.11 -23.74 15.19
C PRO B 63 3.58 -24.22 13.81
N VAL B 64 3.73 -23.27 12.89
CA VAL B 64 4.28 -23.55 11.59
C VAL B 64 5.29 -22.46 11.27
N ASP B 65 6.52 -22.86 11.01
CA ASP B 65 7.56 -21.90 10.63
C ASP B 65 7.76 -21.94 9.11
N PRO B 66 7.49 -20.82 8.41
CA PRO B 66 7.59 -20.79 6.94
C PRO B 66 9.00 -21.05 6.43
N LYS B 67 10.00 -20.89 7.29
CA LYS B 67 11.37 -21.22 6.87
C LYS B 67 11.55 -22.73 6.70
N GLU B 68 10.71 -23.52 7.39
CA GLU B 68 10.82 -24.97 7.46
C GLU B 68 9.73 -25.67 6.67
N VAL B 69 8.60 -24.99 6.55
CA VAL B 69 7.39 -25.55 5.96
C VAL B 69 6.93 -24.65 4.87
N ASP B 70 6.61 -25.25 3.71
CA ASP B 70 6.11 -24.50 2.58
C ASP B 70 4.69 -23.96 2.87
N VAL B 71 4.58 -22.66 3.17
CA VAL B 71 3.29 -22.04 3.58
C VAL B 71 2.20 -22.05 2.52
N THR B 72 2.58 -22.25 1.25
CA THR B 72 1.56 -22.33 0.18
C THR B 72 0.73 -23.59 0.33
N GLN B 73 1.13 -24.43 1.28
CA GLN B 73 0.49 -25.71 1.60
C GLN B 73 -0.43 -25.74 2.83
N LEU B 74 -0.64 -24.60 3.49
CA LEU B 74 -1.44 -24.58 4.73
C LEU B 74 -2.84 -25.18 4.62
N LYS B 75 -3.54 -24.80 3.55
CA LYS B 75 -4.90 -25.30 3.34
C LYS B 75 -4.86 -26.80 3.08
N SER B 76 -3.88 -27.24 2.29
CA SER B 76 -3.64 -28.68 2.06
C SER B 76 -3.32 -29.42 3.36
N MET B 77 -2.75 -28.73 4.34
CA MET B 77 -2.38 -29.37 5.59
C MET B 77 -3.55 -29.53 6.58
N GLY B 78 -4.71 -28.99 6.20
CA GLY B 78 -5.92 -29.10 7.02
C GLY B 78 -6.19 -27.90 7.92
N PHE B 79 -5.41 -26.83 7.79
CA PHE B 79 -5.66 -25.62 8.59
C PHE B 79 -6.86 -24.84 8.11
N GLN B 80 -7.62 -24.27 9.05
CA GLN B 80 -8.78 -23.42 8.72
C GLN B 80 -8.55 -21.92 8.83
N LYS B 81 -7.66 -21.51 9.75
CA LYS B 81 -7.38 -20.09 10.01
C LYS B 81 -5.92 -19.98 10.37
N VAL B 82 -5.38 -18.77 10.24
CA VAL B 82 -3.96 -18.52 10.43
C VAL B 82 -3.81 -17.35 11.41
N PHE B 83 -3.05 -17.58 12.48
CA PHE B 83 -2.60 -16.45 13.33
C PHE B 83 -1.20 -16.07 12.90
N ILE B 84 -1.04 -14.83 12.39
CA ILE B 84 0.27 -14.38 11.95
C ILE B 84 1.04 -13.80 13.15
N ALA B 85 2.15 -14.48 13.50
CA ALA B 85 3.06 -13.99 14.54
C ALA B 85 4.46 -13.82 13.96
N LEU B 86 4.52 -13.57 12.65
CA LEU B 86 5.78 -13.21 11.96
C LEU B 86 6.03 -11.74 12.08
N HIS B 87 7.30 -11.33 11.98
CA HIS B 87 7.64 -9.89 12.00
C HIS B 87 8.59 -9.60 10.89
N GLY B 88 8.32 -8.54 10.16
CA GLY B 88 9.23 -8.08 9.11
C GLY B 88 8.75 -8.49 7.75
N ARG B 89 9.41 -8.03 6.70
CA ARG B 89 8.97 -8.30 5.33
C ARG B 89 8.70 -9.78 5.09
N GLY B 90 7.75 -10.08 4.21
CA GLY B 90 7.41 -11.47 3.90
C GLY B 90 6.50 -12.18 4.93
N GLY B 91 6.35 -11.63 6.12
CA GLY B 91 5.24 -11.99 7.04
C GLY B 91 4.30 -10.82 7.32
N GLU B 92 4.85 -9.62 7.22
CA GLU B 92 4.18 -8.45 7.70
C GLU B 92 3.84 -7.45 6.57
N ASP B 93 4.36 -7.67 5.36
CA ASP B 93 4.31 -6.58 4.36
C ASP B 93 3.26 -6.78 3.25
N GLY B 94 2.32 -7.69 3.48
CA GLY B 94 1.26 -7.89 2.53
C GLY B 94 1.41 -9.07 1.59
N THR B 95 2.66 -9.54 1.46
CA THR B 95 2.94 -10.62 0.52
C THR B 95 2.25 -11.91 0.98
N LEU B 96 2.50 -12.29 2.23
CA LEU B 96 1.86 -13.47 2.83
C LEU B 96 0.35 -13.29 2.86
N GLN B 97 -0.12 -12.11 3.25
CA GLN B 97 -1.55 -11.79 3.24
C GLN B 97 -2.20 -12.07 1.88
N GLY B 98 -1.53 -11.68 0.80
CA GLY B 98 -2.08 -11.90 -0.54
C GLY B 98 -2.17 -13.37 -0.86
N MET B 99 -1.14 -14.10 -0.49
CA MET B 99 -1.14 -15.54 -0.69
C MET B 99 -2.31 -16.21 0.06
N LEU B 100 -2.50 -15.80 1.31
CA LEU B 100 -3.59 -16.37 2.12
C LEU B 100 -4.95 -16.00 1.56
N GLU B 101 -5.07 -14.78 1.04
CA GLU B 101 -6.32 -14.38 0.39
C GLU B 101 -6.65 -15.31 -0.78
N LEU B 102 -5.65 -15.65 -1.60
CA LEU B 102 -5.90 -16.54 -2.77
C LEU B 102 -6.05 -18.01 -2.42
N MET B 103 -5.45 -18.42 -1.29
CA MET B 103 -5.65 -19.78 -0.77
C MET B 103 -7.02 -19.90 -0.11
N GLY B 104 -7.62 -18.77 0.25
CA GLY B 104 -8.95 -18.75 0.89
C GLY B 104 -8.95 -19.03 2.40
N LEU B 105 -7.85 -18.70 3.07
CA LEU B 105 -7.78 -18.90 4.52
C LEU B 105 -7.87 -17.58 5.26
N PRO B 106 -8.79 -17.47 6.23
CA PRO B 106 -8.85 -16.28 7.10
C PRO B 106 -7.57 -16.14 7.92
N TYR B 107 -7.19 -14.90 8.17
CA TYR B 107 -5.95 -14.68 8.91
C TYR B 107 -6.09 -13.45 9.77
N THR B 108 -5.22 -13.33 10.77
CA THR B 108 -5.28 -12.23 11.72
C THR B 108 -4.61 -10.97 11.16
N GLY B 109 -5.03 -9.82 11.69
CA GLY B 109 -4.37 -8.56 11.39
C GLY B 109 -4.83 -7.93 10.08
N SER B 110 -4.05 -6.95 9.66
CA SER B 110 -4.38 -6.12 8.50
C SER B 110 -4.29 -6.87 7.16
N GLY B 111 -5.02 -6.34 6.19
CA GLY B 111 -5.05 -6.90 4.85
C GLY B 111 -3.81 -6.48 4.08
N VAL B 112 -3.85 -6.76 2.78
CA VAL B 112 -2.66 -6.59 1.94
C VAL B 112 -2.17 -5.16 1.88
N MET B 113 -3.06 -4.22 1.56
CA MET B 113 -2.66 -2.84 1.39
C MET B 113 -2.10 -2.26 2.68
N ALA B 114 -2.85 -2.43 3.77
CA ALA B 114 -2.46 -1.75 5.02
C ALA B 114 -1.22 -2.40 5.61
N SER B 115 -1.03 -3.71 5.41
CA SER B 115 0.21 -4.38 5.83
C SER B 115 1.39 -3.82 5.06
N ALA B 116 1.24 -3.71 3.74
CA ALA B 116 2.31 -3.22 2.89
C ALA B 116 2.67 -1.79 3.25
N LEU B 117 1.66 -0.94 3.47
CA LEU B 117 1.93 0.46 3.78
C LEU B 117 2.59 0.59 5.14
N SER B 118 2.15 -0.23 6.08
CA SER B 118 2.65 -0.08 7.45
C SER B 118 4.13 -0.53 7.55
N MET B 119 4.52 -1.48 6.68
CA MET B 119 5.93 -1.83 6.59
C MET B 119 6.80 -0.75 5.96
N ASP B 120 6.20 0.06 5.12
CA ASP B 120 6.90 1.09 4.35
C ASP B 120 6.84 2.41 5.14
N LYS B 121 7.85 2.68 5.94
CA LYS B 121 7.82 3.89 6.76
C LYS B 121 7.76 5.13 5.89
N LEU B 122 8.43 5.13 4.75
CA LEU B 122 8.43 6.29 3.87
C LEU B 122 7.00 6.61 3.40
N ARG B 123 6.29 5.60 2.94
CA ARG B 123 4.94 5.83 2.38
C ARG B 123 3.88 6.03 3.48
N SER B 124 4.08 5.39 4.66
CA SER B 124 3.27 5.72 5.83
C SER B 124 3.39 7.22 6.16
N LYS B 125 4.62 7.74 6.16
CA LYS B 125 4.88 9.15 6.45
C LYS B 125 4.18 10.05 5.43
N LEU B 126 4.27 9.71 4.16
CA LEU B 126 3.63 10.55 3.16
C LEU B 126 2.10 10.54 3.30
N LEU B 127 1.52 9.35 3.54
CA LEU B 127 0.08 9.20 3.70
C LEU B 127 -0.38 10.00 4.91
N TRP B 128 0.35 9.88 6.01
CA TRP B 128 -0.03 10.62 7.21
C TRP B 128 0.11 12.12 7.02
N GLN B 129 1.19 12.58 6.40
CA GLN B 129 1.33 13.99 6.05
C GLN B 129 0.19 14.46 5.16
N GLY B 130 -0.19 13.66 4.16
CA GLY B 130 -1.33 14.01 3.29
C GLY B 130 -2.65 14.15 4.04
N ALA B 131 -2.81 13.36 5.10
CA ALA B 131 -3.98 13.43 5.97
C ALA B 131 -3.91 14.49 7.07
N GLY B 132 -2.86 15.31 7.05
CA GLY B 132 -2.71 16.38 8.04
C GLY B 132 -2.28 15.92 9.42
N LEU B 133 -1.69 14.72 9.50
CA LEU B 133 -1.23 14.15 10.77
C LEU B 133 0.24 14.51 11.03
N PRO B 134 0.64 14.56 12.31
CA PRO B 134 1.99 15.00 12.63
C PRO B 134 3.06 13.94 12.46
N VAL B 135 4.08 14.30 11.69
CA VAL B 135 5.23 13.44 11.42
C VAL B 135 6.53 14.25 11.54
N ALA B 136 7.60 13.62 12.02
CA ALA B 136 8.90 14.31 12.15
C ALA B 136 9.40 14.75 10.77
N PRO B 137 9.93 15.99 10.66
CA PRO B 137 10.60 16.36 9.42
C PRO B 137 11.61 15.29 8.95
N TRP B 138 11.65 15.08 7.64
CA TRP B 138 12.50 14.02 7.10
C TRP B 138 12.96 14.27 5.67
N VAL B 139 13.97 13.49 5.30
CA VAL B 139 14.42 13.34 3.93
C VAL B 139 14.50 11.85 3.61
N ALA B 140 14.02 11.45 2.43
CA ALA B 140 14.24 10.08 1.96
C ALA B 140 15.28 9.98 0.84
N LEU B 141 16.01 8.88 0.82
CA LEU B 141 17.03 8.61 -0.18
C LEU B 141 16.87 7.19 -0.69
N THR B 142 17.10 7.01 -1.99
CA THR B 142 17.17 5.68 -2.58
C THR B 142 18.60 5.21 -2.69
N ARG B 143 18.78 3.91 -2.92
CA ARG B 143 20.14 3.34 -3.03
C ARG B 143 20.85 3.91 -4.25
N ALA B 144 20.15 4.02 -5.36
CA ALA B 144 20.74 4.59 -6.57
C ALA B 144 21.31 5.98 -6.32
N GLU B 145 20.58 6.79 -5.53
CA GLU B 145 21.02 8.14 -5.18
C GLU B 145 22.29 8.10 -4.35
N PHE B 146 22.29 7.22 -3.38
CA PHE B 146 23.46 7.05 -2.53
C PHE B 146 24.69 6.57 -3.32
N GLU B 147 24.50 5.61 -4.23
CA GLU B 147 25.58 5.04 -5.05
C GLU B 147 26.17 6.06 -6.02
N LYS B 148 25.34 7.00 -6.50
CA LYS B 148 25.82 8.04 -7.39
C LYS B 148 26.66 9.05 -6.61
N GLY B 149 26.33 9.22 -5.34
CA GLY B 149 26.88 10.30 -4.52
C GLY B 149 25.84 11.40 -4.43
N LEU B 150 25.79 12.06 -3.27
CA LEU B 150 24.75 13.07 -3.00
C LEU B 150 25.05 14.42 -3.62
N SER B 151 24.00 15.02 -4.17
CA SER B 151 24.07 16.34 -4.78
C SER B 151 24.20 17.43 -3.71
N ASP B 152 24.55 18.64 -4.14
CA ASP B 152 24.55 19.83 -3.27
C ASP B 152 23.16 20.10 -2.71
N LYS B 153 22.14 19.86 -3.54
CA LYS B 153 20.73 20.10 -3.20
C LYS B 153 20.22 19.13 -2.11
N GLN B 154 20.57 17.86 -2.24
CA GLN B 154 20.17 16.85 -1.26
C GLN B 154 20.84 17.13 0.08
N LEU B 155 22.14 17.46 0.04
CA LEU B 155 22.89 17.83 1.24
C LEU B 155 22.26 19.05 1.91
N ALA B 156 21.81 20.00 1.11
CA ALA B 156 21.14 21.21 1.60
C ALA B 156 19.84 20.86 2.36
N GLU B 157 19.04 19.99 1.76
CA GLU B 157 17.81 19.52 2.39
C GLU B 157 18.06 18.75 3.70
N ILE B 158 19.05 17.88 3.70
CA ILE B 158 19.44 17.15 4.91
C ILE B 158 19.88 18.15 6.00
N SER B 159 20.76 19.08 5.63
CA SER B 159 21.24 20.11 6.55
C SER B 159 20.12 20.88 7.25
N ALA B 160 19.03 21.12 6.52
CA ALA B 160 17.85 21.82 7.05
C ALA B 160 17.15 21.06 8.17
N LEU B 161 17.44 19.77 8.29
CA LEU B 161 16.85 19.00 9.38
C LEU B 161 17.44 19.34 10.75
N GLY B 162 18.61 19.97 10.73
CA GLY B 162 19.39 20.17 11.95
C GLY B 162 20.00 18.86 12.42
N LEU B 163 20.63 18.93 13.58
CA LEU B 163 21.21 17.77 14.24
C LEU B 163 20.77 17.73 15.70
N PRO B 164 20.67 16.54 16.28
CA PRO B 164 20.91 15.22 15.66
C PRO B 164 19.80 14.79 14.72
N VAL B 165 20.06 13.72 13.97
CA VAL B 165 19.04 13.02 13.21
C VAL B 165 19.16 11.54 13.47
N ILE B 166 18.10 10.80 13.18
CA ILE B 166 18.14 9.36 13.16
C ILE B 166 18.09 8.92 11.70
N VAL B 167 18.86 7.88 11.40
CA VAL B 167 18.84 7.25 10.07
C VAL B 167 18.25 5.86 10.24
N LYS B 168 17.24 5.55 9.44
CA LYS B 168 16.58 4.24 9.50
C LYS B 168 16.29 3.69 8.11
N PRO B 169 16.41 2.37 7.96
CA PRO B 169 15.85 1.74 6.75
C PRO B 169 14.33 1.99 6.76
N SER B 170 13.70 2.01 5.59
CA SER B 170 12.26 2.25 5.54
C SER B 170 11.48 1.02 6.00
N ARG B 171 11.97 -0.17 5.70
CA ARG B 171 11.12 -1.38 5.83
C ARG B 171 11.64 -2.41 6.79
N GLU B 172 12.17 -1.97 7.93
CA GLU B 172 12.71 -2.89 8.97
C GLU B 172 11.81 -2.83 10.21
N GLY B 173 12.22 -3.51 11.30
CA GLY B 173 11.55 -3.40 12.57
C GLY B 173 12.58 -3.70 13.64
N SER B 174 12.14 -3.69 14.90
CA SER B 174 13.01 -4.07 16.02
C SER B 174 14.30 -3.19 16.11
N SER B 175 14.22 -1.97 15.56
CA SER B 175 15.34 -1.03 15.55
C SER B 175 16.55 -1.48 14.75
N VAL B 176 16.33 -2.37 13.79
CA VAL B 176 17.41 -2.87 12.93
C VAL B 176 17.85 -1.82 11.92
N GLY B 177 19.17 -1.64 11.85
CA GLY B 177 19.83 -0.87 10.80
C GLY B 177 19.89 0.60 11.06
N MET B 178 19.48 1.00 12.27
CA MET B 178 19.25 2.40 12.63
C MET B 178 20.46 2.96 13.36
N SER B 179 20.74 4.25 13.14
CA SER B 179 21.77 4.92 13.94
C SER B 179 21.49 6.41 14.21
N LYS B 180 22.00 6.91 15.34
CA LYS B 180 21.83 8.32 15.71
C LYS B 180 23.03 9.10 15.20
N VAL B 181 22.78 10.16 14.42
CA VAL B 181 23.86 10.96 13.85
C VAL B 181 23.95 12.30 14.59
N VAL B 182 25.09 12.58 15.22
CA VAL B 182 25.26 13.78 16.05
C VAL B 182 26.27 14.75 15.44
N ALA B 183 26.83 14.38 14.28
CA ALA B 183 27.74 15.23 13.50
C ALA B 183 27.44 15.09 12.03
N GLU B 184 27.49 16.20 11.31
CA GLU B 184 27.19 16.24 9.88
C GLU B 184 28.05 15.24 9.10
N ASN B 185 29.30 15.09 9.51
CA ASN B 185 30.23 14.22 8.78
C ASN B 185 30.11 12.74 9.10
N ALA B 186 29.16 12.39 9.98
CA ALA B 186 28.86 11.01 10.35
C ALA B 186 27.70 10.45 9.52
N LEU B 187 27.08 11.30 8.71
CA LEU B 187 25.91 10.87 7.97
C LEU B 187 26.22 9.76 6.98
N GLN B 188 27.32 9.90 6.25
CA GLN B 188 27.63 8.90 5.21
C GLN B 188 27.77 7.46 5.74
N ASP B 189 28.38 7.33 6.92
CA ASP B 189 28.56 6.02 7.55
C ASP B 189 27.21 5.44 7.97
N ALA B 190 26.31 6.31 8.45
CA ALA B 190 24.99 5.86 8.85
C ALA B 190 24.19 5.38 7.65
N LEU B 191 24.36 6.09 6.53
CA LEU B 191 23.66 5.70 5.30
C LEU B 191 24.24 4.40 4.76
N ARG B 192 25.57 4.26 4.79
CA ARG B 192 26.21 3.02 4.36
C ARG B 192 25.64 1.85 5.14
N LEU B 193 25.39 2.04 6.43
CA LEU B 193 24.77 0.97 7.19
C LEU B 193 23.29 0.73 6.80
N ALA B 194 22.51 1.78 6.80
CA ALA B 194 21.06 1.58 6.57
C ALA B 194 20.81 0.96 5.18
N PHE B 195 21.61 1.32 4.19
CA PHE B 195 21.48 0.73 2.86
C PHE B 195 21.85 -0.72 2.75
N GLN B 196 22.45 -1.29 3.80
CA GLN B 196 22.63 -2.73 3.83
C GLN B 196 21.31 -3.42 4.07
N HIS B 197 20.35 -2.68 4.62
CA HIS B 197 19.09 -3.28 5.11
C HIS B 197 17.87 -2.94 4.26
N ASP B 198 17.97 -1.93 3.41
CA ASP B 198 16.88 -1.57 2.52
C ASP B 198 17.38 -0.76 1.38
N GLU B 199 16.57 -0.63 0.34
CA GLU B 199 16.88 0.17 -0.84
C GLU B 199 16.38 1.57 -0.72
N GLU B 200 15.63 1.85 0.36
CA GLU B 200 15.10 3.18 0.64
C GLU B 200 15.36 3.44 2.12
N VAL B 201 15.82 4.64 2.42
CA VAL B 201 16.23 5.02 3.79
C VAL B 201 15.63 6.39 4.14
N LEU B 202 15.29 6.57 5.42
CA LEU B 202 14.83 7.85 5.94
C LEU B 202 15.89 8.48 6.85
N ILE B 203 16.05 9.79 6.70
CA ILE B 203 16.82 10.60 7.62
C ILE B 203 15.78 11.49 8.31
N GLU B 204 15.60 11.38 9.63
CA GLU B 204 14.51 12.07 10.33
C GLU B 204 15.05 12.98 11.44
N LYS B 205 14.39 14.11 11.67
CA LYS B 205 14.72 14.96 12.81
C LYS B 205 14.72 14.09 14.07
N TRP B 206 15.74 14.26 14.91
CA TRP B 206 15.78 13.57 16.21
C TRP B 206 14.73 14.17 17.15
N LEU B 207 13.83 13.33 17.68
CA LEU B 207 12.79 13.77 18.58
C LEU B 207 13.24 13.61 20.06
N SER B 208 12.89 14.59 20.89
CA SER B 208 13.32 14.67 22.29
C SER B 208 12.76 13.54 23.15
N GLY B 209 11.61 13.00 22.75
CA GLY B 209 10.82 12.18 23.65
C GLY B 209 10.09 13.01 24.69
N PRO B 210 9.42 12.38 25.66
CA PRO B 210 9.40 10.92 25.89
C PRO B 210 8.69 10.12 24.78
N GLU B 211 8.88 8.81 24.85
CA GLU B 211 8.42 7.86 23.83
C GLU B 211 7.22 7.10 24.35
N PHE B 212 6.27 6.84 23.45
CA PHE B 212 5.02 6.18 23.77
C PHE B 212 4.72 5.12 22.74
N THR B 213 3.83 4.20 23.11
CA THR B 213 3.24 3.30 22.12
C THR B 213 1.79 3.03 22.48
N VAL B 214 0.97 2.76 21.46
CA VAL B 214 -0.47 2.56 21.63
C VAL B 214 -0.92 1.32 20.87
N ALA B 215 -1.46 0.35 21.62
CA ALA B 215 -2.05 -0.85 21.02
C ALA B 215 -3.50 -0.63 20.60
N ILE B 216 -3.86 -1.24 19.46
CA ILE B 216 -5.22 -1.25 18.92
C ILE B 216 -5.67 -2.71 18.88
N LEU B 217 -6.86 -2.95 19.42
CA LEU B 217 -7.48 -4.28 19.35
C LEU B 217 -8.91 -4.14 18.88
N GLY B 218 -9.17 -4.56 17.66
CA GLY B 218 -10.51 -4.37 17.11
C GLY B 218 -10.84 -2.89 17.02
N GLU B 219 -11.96 -2.50 17.61
CA GLU B 219 -12.41 -1.09 17.65
C GLU B 219 -11.90 -0.37 18.89
N GLU B 220 -11.08 -1.05 19.69
CA GLU B 220 -10.65 -0.49 20.96
C GLU B 220 -9.20 0.00 20.89
N ILE B 221 -8.97 1.22 21.36
CA ILE B 221 -7.61 1.71 21.59
C ILE B 221 -7.29 1.47 23.09
N LEU B 222 -6.20 0.75 23.38
CA LEU B 222 -5.90 0.45 24.77
C LEU B 222 -5.09 1.59 25.39
N PRO B 223 -5.15 1.74 26.73
CA PRO B 223 -4.33 2.81 27.31
C PRO B 223 -2.85 2.73 26.95
N SER B 224 -2.28 3.89 26.64
CA SER B 224 -0.93 3.99 26.14
C SER B 224 0.15 3.57 27.16
N ILE B 225 1.35 3.32 26.61
CA ILE B 225 2.52 2.97 27.42
C ILE B 225 3.57 3.99 27.12
N ARG B 226 4.19 4.51 28.19
CA ARG B 226 5.40 5.33 28.11
C ARG B 226 6.62 4.42 28.24
N ILE B 227 7.57 4.56 27.32
CA ILE B 227 8.72 3.67 27.29
C ILE B 227 9.99 4.46 27.58
N GLN B 228 10.76 4.01 28.58
CA GLN B 228 12.00 4.70 28.95
C GLN B 228 13.20 3.79 28.82
N PRO B 229 13.87 3.81 27.65
CA PRO B 229 15.11 3.04 27.53
C PRO B 229 16.21 3.65 28.37
N SER B 230 17.22 2.84 28.66
CA SER B 230 18.34 3.32 29.48
C SER B 230 19.46 3.91 28.62
N GLY B 231 19.46 3.62 27.33
CA GLY B 231 20.56 4.03 26.44
C GLY B 231 20.19 5.17 25.54
N THR B 232 20.69 5.12 24.30
CA THR B 232 20.52 6.23 23.37
C THR B 232 19.15 6.27 22.64
N PHE B 233 18.53 5.11 22.40
CA PHE B 233 17.15 5.02 21.85
C PHE B 233 16.64 3.62 22.26
N TYR B 234 15.40 3.28 21.86
CA TYR B 234 14.81 1.98 22.19
C TYR B 234 15.35 0.97 21.17
N ASP B 235 16.58 0.52 21.42
CA ASP B 235 17.31 -0.29 20.47
C ASP B 235 17.01 -1.75 20.68
N TYR B 236 17.61 -2.62 19.85
CA TYR B 236 17.27 -4.03 19.96
C TYR B 236 17.51 -4.58 21.37
N GLU B 237 18.62 -4.22 22.00
CA GLU B 237 18.87 -4.69 23.34
C GLU B 237 17.79 -4.19 24.33
N ALA B 238 17.47 -2.91 24.23
CA ALA B 238 16.47 -2.28 25.12
C ALA B 238 15.10 -2.93 24.93
N LYS B 239 14.82 -3.35 23.69
CA LYS B 239 13.52 -3.98 23.38
C LYS B 239 13.44 -5.39 23.95
N TYR B 240 14.49 -6.20 23.76
CA TYR B 240 14.29 -7.64 23.99
C TYR B 240 15.16 -8.30 25.04
N LEU B 241 16.23 -7.61 25.46
CA LEU B 241 17.33 -8.28 26.15
C LEU B 241 17.78 -7.58 27.43
N SER B 242 17.18 -6.44 27.76
CA SER B 242 17.63 -5.65 28.91
C SER B 242 16.59 -5.70 29.99
N ASP B 243 17.05 -5.79 31.24
CA ASP B 243 16.17 -5.57 32.38
C ASP B 243 16.11 -4.09 32.81
N GLU B 244 16.78 -3.21 32.08
CA GLU B 244 16.87 -1.81 32.47
C GLU B 244 15.82 -0.92 31.85
N THR B 245 15.13 -1.37 30.81
CA THR B 245 14.08 -0.54 30.22
C THR B 245 12.92 -0.41 31.20
N GLN B 246 12.36 0.79 31.32
CA GLN B 246 11.19 0.98 32.18
C GLN B 246 9.97 1.27 31.31
N TYR B 247 8.82 0.86 31.79
CA TYR B 247 7.56 1.03 31.07
C TYR B 247 6.55 1.55 32.07
N PHE B 248 5.74 2.51 31.63
CA PHE B 248 4.68 3.08 32.47
C PHE B 248 3.34 2.95 31.79
N CYS B 249 2.43 2.22 32.42
CA CYS B 249 1.08 2.00 31.90
C CYS B 249 0.12 1.88 33.09
N PRO B 250 -0.78 2.87 33.30
CA PRO B 250 -0.94 4.06 32.45
C PRO B 250 0.28 4.98 32.35
N ALA B 251 0.32 5.80 31.30
CA ALA B 251 1.53 6.54 30.90
C ALA B 251 1.84 7.80 31.71
N GLY B 252 0.93 8.19 32.61
CA GLY B 252 1.11 9.36 33.48
C GLY B 252 0.74 10.69 32.82
N LEU B 253 0.16 10.63 31.63
CA LEU B 253 -0.33 11.83 30.92
C LEU B 253 -1.57 12.39 31.62
N GLU B 254 -1.76 13.70 31.50
CA GLU B 254 -3.02 14.29 31.93
C GLU B 254 -4.13 13.64 31.11
N ALA B 255 -5.32 13.58 31.68
CA ALA B 255 -6.46 12.93 31.01
C ALA B 255 -6.69 13.43 29.58
N SER B 256 -6.63 14.75 29.38
CA SER B 256 -6.86 15.33 28.04
C SER B 256 -5.76 14.92 27.05
N GLN B 257 -4.54 14.77 27.56
CA GLN B 257 -3.38 14.39 26.77
C GLN B 257 -3.40 12.92 26.35
N GLU B 258 -3.74 12.03 27.29
CA GLU B 258 -3.98 10.63 26.95
C GLU B 258 -5.08 10.55 25.87
N ALA B 259 -6.15 11.34 26.04
CA ALA B 259 -7.24 11.33 25.07
C ALA B 259 -6.80 11.83 23.69
N ASN B 260 -5.96 12.88 23.69
CA ASN B 260 -5.32 13.38 22.46
C ASN B 260 -4.47 12.30 21.74
N LEU B 261 -3.64 11.61 22.51
CA LEU B 261 -2.81 10.54 21.97
C LEU B 261 -3.66 9.42 21.36
N GLN B 262 -4.69 8.98 22.07
CA GLN B 262 -5.56 7.92 21.56
C GLN B 262 -6.24 8.36 20.27
N ALA B 263 -6.73 9.60 20.23
CA ALA B 263 -7.41 10.11 19.04
C ALA B 263 -6.46 10.19 17.82
N LEU B 264 -5.24 10.67 18.05
CA LEU B 264 -4.20 10.72 17.02
C LEU B 264 -3.90 9.32 16.45
N VAL B 265 -3.73 8.36 17.33
CA VAL B 265 -3.43 7.01 16.93
C VAL B 265 -4.59 6.43 16.15
N LEU B 266 -5.82 6.68 16.59
CA LEU B 266 -6.98 6.16 15.87
C LEU B 266 -6.98 6.73 14.44
N LYS B 267 -6.70 8.02 14.30
CA LYS B 267 -6.70 8.63 12.95
C LYS B 267 -5.59 8.01 12.08
N ALA B 268 -4.43 7.79 12.68
CA ALA B 268 -3.29 7.25 11.96
C ALA B 268 -3.59 5.83 11.51
N TRP B 269 -4.23 5.05 12.38
CA TRP B 269 -4.66 3.69 12.10
C TRP B 269 -5.66 3.62 10.94
N THR B 270 -6.71 4.43 11.05
CA THR B 270 -7.74 4.43 10.02
C THR B 270 -7.23 4.96 8.66
N THR B 271 -6.34 5.95 8.70
CA THR B 271 -5.72 6.47 7.46
C THR B 271 -5.00 5.38 6.68
N LEU B 272 -4.22 4.53 7.38
CA LEU B 272 -3.54 3.42 6.69
C LEU B 272 -4.46 2.27 6.25
N GLY B 273 -5.66 2.20 6.86
CA GLY B 273 -6.61 1.14 6.51
C GLY B 273 -6.39 -0.17 7.28
N CYS B 274 -5.72 -0.07 8.42
CA CYS B 274 -5.34 -1.21 9.22
C CYS B 274 -6.56 -1.83 9.85
N LYS B 275 -6.46 -3.12 10.20
CA LYS B 275 -7.59 -3.80 10.86
C LYS B 275 -7.11 -4.91 11.79
N GLY B 276 -8.00 -5.34 12.67
CA GLY B 276 -7.73 -6.47 13.55
C GLY B 276 -7.01 -6.05 14.80
N TRP B 277 -5.72 -5.77 14.67
CA TRP B 277 -4.92 -5.33 15.81
C TRP B 277 -3.61 -4.78 15.33
N GLY B 278 -2.91 -4.05 16.19
CA GLY B 278 -1.63 -3.49 15.84
C GLY B 278 -1.11 -2.57 16.91
N ARG B 279 -0.03 -1.87 16.60
CA ARG B 279 0.55 -0.99 17.58
C ARG B 279 1.25 0.15 16.90
N ILE B 280 0.98 1.37 17.37
CA ILE B 280 1.58 2.56 16.75
C ILE B 280 2.56 3.22 17.69
N ASP B 281 3.76 3.53 17.20
CA ASP B 281 4.86 4.11 18.00
C ASP B 281 4.85 5.63 17.79
N VAL B 282 4.92 6.40 18.90
CA VAL B 282 4.73 7.86 18.89
C VAL B 282 5.75 8.49 19.83
N MET B 283 6.26 9.67 19.48
CA MET B 283 7.13 10.41 20.43
C MET B 283 6.70 11.85 20.59
N LEU B 284 6.87 12.39 21.79
CA LEU B 284 6.84 13.86 21.96
C LEU B 284 8.13 14.44 21.40
N ASP B 285 8.04 15.69 20.91
CA ASP B 285 9.22 16.47 20.62
C ASP B 285 9.32 17.68 21.57
N SER B 286 10.34 18.50 21.37
CA SER B 286 10.61 19.56 22.34
C SER B 286 9.60 20.70 22.24
N ASP B 287 8.75 20.69 21.20
CA ASP B 287 7.62 21.62 21.13
C ASP B 287 6.38 21.17 21.94
N GLY B 288 6.49 20.01 22.58
CA GLY B 288 5.44 19.45 23.41
C GLY B 288 4.33 18.76 22.64
N GLN B 289 4.58 18.51 21.35
CA GLN B 289 3.61 17.84 20.49
C GLN B 289 3.98 16.40 20.18
N PHE B 290 2.96 15.57 19.93
CA PHE B 290 3.15 14.18 19.49
C PHE B 290 3.44 14.06 17.98
N TYR B 291 4.34 13.13 17.65
CA TYR B 291 4.71 12.83 16.25
C TYR B 291 4.68 11.34 16.05
N LEU B 292 4.06 10.91 14.95
CA LEU B 292 3.94 9.50 14.62
C LEU B 292 5.25 8.95 14.06
N LEU B 293 5.72 7.82 14.60
CA LEU B 293 6.89 7.16 14.01
C LEU B 293 6.52 6.15 12.95
N GLU B 294 5.64 5.23 13.32
CA GLU B 294 5.35 4.09 12.42
C GLU B 294 4.21 3.29 13.01
N ALA B 295 3.57 2.49 12.17
CA ALA B 295 2.62 1.48 12.61
C ALA B 295 3.23 0.11 12.42
N ASN B 296 2.86 -0.81 13.32
CA ASN B 296 3.29 -2.21 13.23
C ASN B 296 2.02 -3.10 13.20
N THR B 297 1.86 -3.85 12.11
CA THR B 297 0.65 -4.68 11.88
C THR B 297 0.76 -6.14 12.34
N SER B 298 1.98 -6.62 12.62
CA SER B 298 2.13 -7.91 13.39
C SER B 298 3.05 -7.68 14.62
N PRO B 299 2.50 -7.03 15.66
CA PRO B 299 3.39 -6.59 16.75
C PRO B 299 4.01 -7.74 17.53
N GLY B 300 5.15 -7.45 18.16
CA GLY B 300 5.71 -8.47 19.06
C GLY B 300 4.77 -8.94 20.16
N MET B 301 4.97 -10.21 20.54
CA MET B 301 4.15 -10.87 21.57
C MET B 301 4.98 -11.60 22.61
N THR B 302 6.27 -11.24 22.68
CA THR B 302 7.22 -11.82 23.64
C THR B 302 6.96 -11.32 25.08
N SER B 303 7.64 -11.90 26.05
CA SER B 303 7.50 -11.46 27.45
C SER B 303 7.96 -10.02 27.68
N HIS B 304 8.77 -9.51 26.73
CA HIS B 304 9.25 -8.13 26.76
C HIS B 304 8.36 -7.21 25.95
N SER B 305 7.30 -7.74 25.32
CA SER B 305 6.58 -6.99 24.31
C SER B 305 5.47 -6.08 24.84
N LEU B 306 5.16 -5.07 24.03
CA LEU B 306 4.31 -3.96 24.46
C LEU B 306 2.82 -4.23 24.36
N VAL B 307 2.35 -4.85 23.28
CA VAL B 307 0.92 -5.15 23.24
C VAL B 307 0.47 -5.98 24.49
N PRO B 308 1.20 -7.05 24.86
CA PRO B 308 0.80 -7.80 26.08
C PRO B 308 0.73 -6.93 27.31
N MET B 309 1.63 -5.94 27.42
CA MET B 309 1.59 -5.04 28.62
C MET B 309 0.33 -4.18 28.63
N ALA B 310 -0.05 -3.63 27.47
CA ALA B 310 -1.26 -2.84 27.39
C ALA B 310 -2.52 -3.70 27.71
N ALA B 311 -2.53 -4.93 27.19
CA ALA B 311 -3.67 -5.84 27.42
C ALA B 311 -3.76 -6.23 28.89
N ARG B 312 -2.62 -6.52 29.53
CA ARG B 312 -2.59 -6.86 30.95
C ARG B 312 -3.15 -5.72 31.79
N GLN B 313 -2.71 -4.50 31.50
CA GLN B 313 -3.17 -3.36 32.29
C GLN B 313 -4.65 -3.15 32.04
N ALA B 314 -5.11 -3.42 30.80
CA ALA B 314 -6.53 -3.27 30.47
C ALA B 314 -7.43 -4.41 31.03
N GLY B 315 -6.83 -5.33 31.79
CA GLY B 315 -7.60 -6.37 32.52
C GLY B 315 -7.97 -7.61 31.72
N MET B 316 -7.17 -7.94 30.70
CA MET B 316 -7.28 -9.18 29.90
C MET B 316 -6.12 -10.10 30.27
N SER B 317 -6.33 -11.41 30.25
CA SER B 317 -5.19 -12.31 30.25
C SER B 317 -4.61 -12.34 28.85
N PHE B 318 -3.34 -12.75 28.75
CA PHE B 318 -2.71 -12.91 27.44
C PHE B 318 -3.50 -13.89 26.58
N SER B 319 -3.99 -14.97 27.19
CA SER B 319 -4.82 -15.91 26.44
C SER B 319 -6.09 -15.26 25.86
N GLN B 320 -6.80 -14.47 26.65
CA GLN B 320 -7.97 -13.73 26.15
C GLN B 320 -7.58 -12.79 24.99
N LEU B 321 -6.45 -12.11 25.12
CA LEU B 321 -5.96 -11.22 24.04
C LEU B 321 -5.81 -11.97 22.73
N VAL B 322 -5.11 -13.12 22.75
CA VAL B 322 -4.90 -13.81 21.46
C VAL B 322 -6.16 -14.45 20.90
N VAL B 323 -7.04 -14.95 21.78
CA VAL B 323 -8.34 -15.48 21.35
C VAL B 323 -9.14 -14.36 20.66
N ARG B 324 -9.11 -13.16 21.25
CA ARG B 324 -9.79 -12.00 20.66
C ARG B 324 -9.22 -11.62 19.27
N ILE B 325 -7.89 -11.58 19.15
CA ILE B 325 -7.24 -11.25 17.89
C ILE B 325 -7.68 -12.25 16.85
N LEU B 326 -7.74 -13.53 17.23
CA LEU B 326 -8.18 -14.59 16.32
C LEU B 326 -9.67 -14.47 15.91
N GLU B 327 -10.51 -14.12 16.89
CA GLU B 327 -11.97 -14.00 16.67
C GLU B 327 -12.23 -12.87 15.66
N LEU B 328 -11.34 -11.88 15.63
CA LEU B 328 -11.51 -10.74 14.71
C LEU B 328 -11.18 -11.07 13.28
N ALA B 329 -10.54 -12.23 13.05
CA ALA B 329 -10.13 -12.60 11.69
C ALA B 329 -11.31 -12.99 10.82
N ASP B 330 -11.30 -12.40 9.61
CA ASP B 330 -12.08 -12.66 8.38
C ASP B 330 -13.14 -13.76 8.37
PB ADP C . -10.96 4.84 -13.36
O1B ADP C . -10.03 3.95 -12.57
O2B ADP C . -10.47 5.16 -14.77
O3B ADP C . -12.34 4.28 -13.30
PA ADP C . -10.48 7.73 -13.03
O1A ADP C . -9.43 7.62 -14.09
O2A ADP C . -10.20 8.52 -11.79
O3A ADP C . -11.02 6.26 -12.58
O5' ADP C . -11.79 8.45 -13.65
C5' ADP C . -12.43 7.93 -14.84
C4' ADP C . -12.78 9.11 -15.76
O4' ADP C . -13.62 10.04 -15.08
C3' ADP C . -11.59 9.96 -16.21
O3' ADP C . -10.92 9.27 -17.28
C2' ADP C . -12.16 11.33 -16.50
O2' ADP C . -12.83 11.34 -17.77
C1' ADP C . -13.23 11.37 -15.44
N9 ADP C . -12.84 12.10 -14.20
C8 ADP C . -12.24 11.53 -13.12
N7 ADP C . -12.08 12.41 -12.15
C5 ADP C . -12.58 13.60 -12.60
C6 ADP C . -12.76 14.92 -12.05
N6 ADP C . -12.35 15.20 -10.81
N1 ADP C . -13.35 15.83 -12.85
C2 ADP C . -13.79 15.56 -14.10
N3 ADP C . -13.68 14.34 -14.69
C4 ADP C . -13.07 13.37 -13.96
N DAL D . -8.39 -0.04 -15.99
CA DAL D . -8.83 -0.23 -17.42
CB DAL D . -8.64 -1.64 -17.83
C DAL D . -8.06 0.68 -18.36
O DAL D . -6.90 0.99 -18.12
N DAL E . -8.74 1.11 -19.43
CA DAL E . -8.20 2.04 -20.43
CB DAL E . -9.32 2.96 -20.94
C DAL E . -7.62 1.27 -21.60
O DAL E . -6.66 1.81 -22.20
OXT DAL E . -8.09 0.22 -21.94
C CO3 F . -9.00 3.21 -16.06
O1 CO3 F . -9.91 2.76 -16.83
O2 CO3 F . -8.74 2.54 -14.96
O3 CO3 F . -8.36 4.29 -16.32
MG MG G . -8.19 3.21 -13.17
MG MG H . -8.71 6.07 -15.25
C1 GOL I . -16.14 -4.02 -22.55
O1 GOL I . -14.94 -4.66 -22.78
C2 GOL I . -16.91 -3.82 -23.84
O2 GOL I . -16.76 -4.98 -24.64
C3 GOL I . -18.34 -3.65 -23.38
O3 GOL I . -19.14 -4.62 -24.01
C1 GOL J . -33.28 11.13 -4.88
O1 GOL J . -33.10 11.10 -6.30
C2 GOL J . -33.53 9.71 -4.37
O2 GOL J . -32.25 9.12 -4.22
C3 GOL J . -34.16 9.71 -2.95
O3 GOL J . -35.39 10.40 -2.87
N1 IMD K . -13.88 1.18 -29.48
C2 IMD K . -13.16 1.61 -28.41
N3 IMD K . -12.12 0.77 -28.21
C4 IMD K . -12.17 -0.17 -29.18
C5 IMD K . -13.28 0.08 -29.99
PB ADP L . 11.22 0.09 14.20
O1B ADP L . 10.74 -0.03 15.61
O2B ADP L . 12.60 -0.45 13.97
O3B ADP L . 10.22 -0.54 13.21
PA ADP L . 10.77 2.94 14.75
O1A ADP L . 9.77 2.52 15.79
O2A ADP L . 10.57 4.12 13.86
O3A ADP L . 11.22 1.66 13.86
O5' ADP L . 12.19 3.30 15.52
C5' ADP L . 12.76 2.42 16.50
C4' ADP L . 13.21 3.25 17.70
O4' ADP L . 14.13 4.30 17.35
C3' ADP L . 12.03 3.97 18.38
O3' ADP L . 11.28 3.12 19.26
C2' ADP L . 12.70 5.16 19.07
O2' ADP L . 13.33 4.80 20.33
C1' ADP L . 13.80 5.50 18.10
N9 ADP L . 13.42 6.55 17.10
C8 ADP L . 12.86 6.33 15.88
N7 ADP L . 12.73 7.52 15.24
C5 ADP L . 13.17 8.51 16.05
C6 ADP L . 13.38 9.95 15.93
N6 ADP L . 12.96 10.61 14.83
N1 ADP L . 13.95 10.60 16.99
C2 ADP L . 14.32 9.91 18.10
N3 ADP L . 14.23 8.58 18.26
C4 ADP L . 13.68 7.83 17.24
N DAL M . 8.29 -5.22 15.17
CA DAL M . 8.67 -5.82 16.48
CB DAL M . 8.43 -7.28 16.47
C DAL M . 7.94 -5.17 17.64
O DAL M . 6.74 -4.91 17.58
N DAL N . 8.68 -4.96 18.73
CA DAL N . 8.18 -4.38 19.99
CB DAL N . 9.35 -3.77 20.79
C DAL N . 7.50 -5.44 20.83
O DAL N . 6.60 -5.07 21.61
OXT DAL N . 7.88 -6.62 20.77
C CO3 O . 9.18 -2.19 16.26
O1 CO3 O . 10.07 -2.91 16.82
O2 CO3 O . 8.90 -2.47 15.01
O3 CO3 O . 8.57 -1.22 16.85
MG MG P . 8.37 -1.32 13.53
MG MG Q . 8.96 0.81 16.39
MG MG R . 14.37 -11.32 29.26
MG MG S . 34.80 8.12 6.41
#